data_7EJE
#
_entry.id   7EJE
#
loop_
_entity.id
_entity.type
_entity.pdbx_description
1 polymer 'DNA repair protein RAD51 homolog 1'
2 polymer "DNA (5'-D(P*TP*TP*TP*TP*TP*TP*TP*TP*T)-3')"
3 polymer "DNA (5'-D(P*AP*AP*AP*AP*AP*AP*AP*AP*A)-3')"
4 non-polymer 'MAGNESIUM ION'
5 non-polymer 'PHOSPHOAMINOPHOSPHONIC ACID-ADENYLATE ESTER'
#
loop_
_entity_poly.entity_id
_entity_poly.type
_entity_poly.pdbx_seq_one_letter_code
_entity_poly.pdbx_strand_id
1 'polypeptide(L)'
;MAMQMQLEANADTSVEEESFGPQPISRLEQCGINANDVKKLEEAGFHTVEAVAYAPKKELINIKGISEAKADKILAEAAK
LVPMGFTTATEFHQRRSEIIQITTGSKELDKLLQGGIETGSITEMFGEFRTGKTQICHTLAVTCQLPIDRGGGEGKAMYI
DTEGTFRPERLLAVAERYGLSGSDVLDNVAYARAFNTDHQTQLLYQASAMMVESRYALLIVDSATALYRTDYSGRGELSA
RQMHLARFLRMLLRLADEFGVAVVITNQVVAQVDGAAMFAADPKKPIGGNIIAHASTTRLYLRKGRGETRICQIYDSPCL
PEAEAMFAINADGVGDAKD
;
A,B,C
2 'polydeoxyribonucleotide' (DT)(DT)(DT)(DT)(DT)(DT)(DT)(DT)(DT) D
3 'polydeoxyribonucleotide' (DA)(DA)(DA)(DA)(DA)(DA)(DA)(DA)(DA) E
#
loop_
_chem_comp.id
_chem_comp.type
_chem_comp.name
_chem_comp.formula
ANP non-polymer 'PHOSPHOAMINOPHOSPHONIC ACID-ADENYLATE ESTER' 'C10 H17 N6 O12 P3'
DA DNA linking 2'-DEOXYADENOSINE-5'-MONOPHOSPHATE 'C10 H14 N5 O6 P'
DT DNA linking THYMIDINE-5'-MONOPHOSPHATE 'C10 H15 N2 O8 P'
MG non-polymer 'MAGNESIUM ION' 'Mg 2'
#
# COMPACT_ATOMS: atom_id res chain seq x y z
N PRO A 22 19.74 -39.33 6.51
CA PRO A 22 21.14 -39.05 6.24
C PRO A 22 21.80 -40.14 5.41
N GLN A 23 21.05 -40.71 4.47
CA GLN A 23 21.56 -41.79 3.64
C GLN A 23 21.53 -41.47 2.16
N PRO A 24 22.69 -41.10 1.61
CA PRO A 24 22.86 -40.72 0.20
C PRO A 24 22.53 -41.85 -0.76
N ILE A 25 22.03 -41.49 -1.95
CA ILE A 25 21.55 -42.45 -2.96
C ILE A 25 22.66 -43.38 -3.42
N SER A 26 23.91 -42.99 -3.20
CA SER A 26 25.04 -43.81 -3.61
C SER A 26 24.98 -45.18 -2.96
N ARG A 27 24.38 -45.27 -1.78
CA ARG A 27 24.18 -46.57 -1.15
C ARG A 27 23.24 -47.43 -1.99
N LEU A 28 22.35 -46.76 -2.73
CA LEU A 28 21.45 -47.45 -3.64
C LEU A 28 22.15 -47.74 -4.97
N GLU A 29 23.35 -47.22 -5.14
CA GLU A 29 24.17 -47.60 -6.29
C GLU A 29 24.70 -48.99 -5.98
N GLN A 30 23.76 -49.94 -5.96
CA GLN A 30 23.98 -51.28 -5.44
C GLN A 30 22.84 -52.15 -5.95
N CYS A 31 23.04 -53.46 -5.93
CA CYS A 31 22.03 -54.44 -6.33
C CYS A 31 21.57 -54.19 -7.76
N GLY A 32 22.52 -53.89 -8.63
CA GLY A 32 22.28 -53.88 -10.05
C GLY A 32 21.69 -52.62 -10.64
N ILE A 33 21.40 -51.63 -9.80
CA ILE A 33 20.91 -50.36 -10.31
C ILE A 33 22.04 -49.69 -11.08
N ASN A 34 21.73 -49.15 -12.27
CA ASN A 34 22.74 -48.41 -13.03
C ASN A 34 23.08 -47.08 -12.38
N ALA A 35 24.36 -46.73 -12.38
CA ALA A 35 24.80 -45.49 -11.78
C ALA A 35 24.24 -44.28 -12.53
N ASN A 36 24.06 -44.40 -13.84
CA ASN A 36 23.41 -43.35 -14.60
C ASN A 36 21.89 -43.33 -14.40
N ASP A 37 21.31 -44.47 -14.06
CA ASP A 37 19.92 -44.49 -13.64
C ASP A 37 19.81 -43.76 -12.31
N VAL A 38 20.81 -43.98 -11.46
CA VAL A 38 20.89 -43.29 -10.19
C VAL A 38 21.02 -41.80 -10.39
N LYS A 39 21.77 -41.43 -11.41
CA LYS A 39 21.98 -40.01 -11.70
C LYS A 39 20.83 -39.44 -12.51
N LYS A 40 19.93 -40.32 -12.97
CA LYS A 40 18.64 -39.85 -13.44
C LYS A 40 17.83 -39.51 -12.21
N LEU A 41 17.91 -40.37 -11.21
CA LEU A 41 17.13 -40.21 -9.99
C LEU A 41 17.53 -38.95 -9.23
N GLU A 42 18.81 -38.59 -9.34
CA GLU A 42 19.36 -37.46 -8.62
C GLU A 42 18.67 -36.17 -9.01
N GLU A 43 18.20 -36.13 -10.25
CA GLU A 43 17.66 -34.92 -10.84
C GLU A 43 16.23 -34.65 -10.38
N ALA A 44 15.64 -35.63 -9.72
CA ALA A 44 14.27 -35.52 -9.24
C ALA A 44 14.22 -34.66 -7.99
N GLY A 45 15.40 -34.34 -7.47
CA GLY A 45 15.52 -33.64 -6.21
C GLY A 45 15.70 -34.65 -5.09
N PHE A 46 15.55 -35.91 -5.41
CA PHE A 46 15.89 -36.98 -4.48
C PHE A 46 17.40 -36.98 -4.31
N HIS A 47 17.86 -37.13 -3.09
CA HIS A 47 19.30 -37.17 -2.84
C HIS A 47 19.63 -38.09 -1.69
N THR A 48 18.60 -38.66 -1.07
CA THR A 48 18.79 -39.57 0.04
C THR A 48 17.90 -40.79 -0.08
N VAL A 49 18.37 -41.91 0.44
CA VAL A 49 17.65 -43.16 0.33
C VAL A 49 16.29 -43.07 0.98
N GLU A 50 16.22 -42.35 2.09
CA GLU A 50 14.98 -42.23 2.81
C GLU A 50 13.96 -41.46 2.00
N ALA A 51 14.44 -40.50 1.21
CA ALA A 51 13.54 -39.73 0.36
C ALA A 51 12.92 -40.62 -0.69
N VAL A 52 13.69 -41.57 -1.18
CA VAL A 52 13.18 -42.56 -2.09
C VAL A 52 12.18 -43.45 -1.38
N ALA A 53 12.45 -43.73 -0.11
CA ALA A 53 11.59 -44.59 0.69
C ALA A 53 10.23 -43.94 0.91
N TYR A 54 10.21 -42.61 0.94
CA TYR A 54 8.98 -41.90 1.24
C TYR A 54 8.37 -41.37 -0.04
N ALA A 55 8.96 -41.75 -1.17
CA ALA A 55 8.43 -41.35 -2.46
C ALA A 55 7.28 -42.24 -2.88
N PRO A 56 6.14 -41.62 -3.21
CA PRO A 56 5.00 -42.34 -3.77
C PRO A 56 5.35 -42.96 -5.11
N LYS A 57 4.76 -44.11 -5.41
CA LYS A 57 5.06 -44.86 -6.61
C LYS A 57 4.85 -44.07 -7.90
N LYS A 58 3.81 -43.25 -7.93
CA LYS A 58 3.46 -42.57 -9.17
C LYS A 58 4.44 -41.47 -9.52
N GLU A 59 4.94 -40.75 -8.53
CA GLU A 59 5.90 -39.69 -8.80
C GLU A 59 7.16 -40.27 -9.40
N LEU A 60 7.52 -41.44 -8.89
CA LEU A 60 8.72 -42.12 -9.34
C LEU A 60 8.52 -42.67 -10.74
N ILE A 61 7.29 -43.09 -11.05
CA ILE A 61 7.00 -43.59 -12.39
C ILE A 61 7.00 -42.48 -13.44
N ASN A 62 6.37 -41.36 -13.10
CA ASN A 62 6.05 -40.34 -14.09
C ASN A 62 7.28 -39.74 -14.76
N ILE A 63 8.39 -39.69 -14.02
CA ILE A 63 9.64 -39.21 -14.56
C ILE A 63 10.15 -40.19 -15.63
N LYS A 64 10.62 -39.63 -16.74
CA LYS A 64 10.88 -40.40 -17.94
C LYS A 64 12.12 -41.28 -17.86
N GLY A 65 12.10 -42.36 -18.62
CA GLY A 65 13.19 -43.33 -18.61
C GLY A 65 13.12 -44.33 -17.48
N ILE A 66 11.91 -44.60 -16.97
CA ILE A 66 11.76 -45.55 -15.87
C ILE A 66 10.60 -46.53 -16.06
N SER A 67 10.92 -47.79 -16.24
CA SER A 67 9.92 -48.85 -16.20
C SER A 67 9.53 -49.11 -14.75
N GLU A 68 8.31 -49.56 -14.53
CA GLU A 68 7.82 -49.76 -13.17
C GLU A 68 8.57 -50.86 -12.43
N ALA A 69 9.08 -51.83 -13.18
CA ALA A 69 9.86 -52.90 -12.58
C ALA A 69 11.13 -52.35 -11.96
N LYS A 70 11.67 -51.31 -12.59
CA LYS A 70 12.82 -50.64 -12.03
C LYS A 70 12.43 -50.09 -10.68
N ALA A 71 11.23 -49.57 -10.60
CA ALA A 71 10.72 -49.03 -9.34
C ALA A 71 10.49 -50.15 -8.33
N ASP A 72 10.23 -51.36 -8.81
CA ASP A 72 10.13 -52.49 -7.92
C ASP A 72 11.49 -52.73 -7.28
N LYS A 73 12.53 -52.65 -8.11
CA LYS A 73 13.88 -52.84 -7.59
C LYS A 73 14.22 -51.74 -6.59
N ILE A 74 13.93 -50.51 -6.98
CA ILE A 74 14.30 -49.33 -6.22
C ILE A 74 13.63 -49.33 -4.86
N LEU A 75 12.32 -49.52 -4.87
CA LEU A 75 11.55 -49.54 -3.64
C LEU A 75 11.94 -50.72 -2.77
N ALA A 76 12.31 -51.83 -3.43
CA ALA A 76 12.75 -53.00 -2.69
C ALA A 76 14.02 -52.66 -1.94
N GLU A 77 14.83 -51.78 -2.53
CA GLU A 77 16.06 -51.35 -1.86
C GLU A 77 15.79 -50.32 -0.77
N ALA A 78 14.77 -49.49 -0.98
CA ALA A 78 14.41 -48.52 0.03
C ALA A 78 13.91 -49.24 1.27
N ALA A 79 13.19 -50.35 1.05
CA ALA A 79 12.82 -51.23 2.14
C ALA A 79 14.05 -51.96 2.69
N LYS A 80 15.01 -52.20 1.80
CA LYS A 80 16.22 -52.92 2.17
C LYS A 80 17.07 -52.13 3.15
N LEU A 81 16.98 -50.80 3.08
CA LEU A 81 17.75 -49.97 3.99
C LEU A 81 16.91 -49.38 5.12
N VAL A 82 15.75 -48.85 4.80
CA VAL A 82 14.88 -48.31 5.82
C VAL A 82 13.75 -49.27 6.17
N PRO A 83 13.71 -49.74 7.42
CA PRO A 83 12.58 -50.54 7.88
C PRO A 83 11.29 -49.74 7.82
N MET A 84 10.16 -50.37 7.49
CA MET A 84 8.90 -49.65 7.39
C MET A 84 7.74 -50.46 7.96
N GLY A 85 8.04 -51.35 8.91
CA GLY A 85 7.01 -52.20 9.48
C GLY A 85 6.36 -51.62 10.72
N PHE A 86 5.59 -52.46 11.42
CA PHE A 86 5.01 -52.07 12.70
C PHE A 86 6.07 -51.87 13.76
N THR A 87 5.81 -50.96 14.70
CA THR A 87 6.75 -50.66 15.77
C THR A 87 6.07 -50.56 17.11
N THR A 88 6.76 -50.98 18.17
CA THR A 88 6.25 -50.86 19.51
C THR A 88 6.15 -49.39 19.90
N ALA A 89 5.16 -49.05 20.72
CA ALA A 89 5.05 -47.69 21.22
C ALA A 89 6.24 -47.34 22.10
N THR A 90 6.79 -48.34 22.76
CA THR A 90 7.95 -48.12 23.62
C THR A 90 9.15 -47.63 22.82
N GLU A 91 9.41 -48.29 21.70
CA GLU A 91 10.55 -47.92 20.88
C GLU A 91 10.39 -46.51 20.36
N PHE A 92 9.15 -46.18 20.01
CA PHE A 92 8.87 -44.85 19.51
C PHE A 92 9.10 -43.84 20.62
N HIS A 93 8.83 -44.25 21.85
CA HIS A 93 9.05 -43.35 22.98
C HIS A 93 10.53 -43.11 23.16
N GLN A 94 11.31 -44.18 23.03
CA GLN A 94 12.76 -44.08 23.20
C GLN A 94 13.37 -43.22 22.12
N ARG A 95 12.79 -43.24 20.93
CA ARG A 95 13.23 -42.35 19.87
C ARG A 95 12.67 -40.95 20.01
N ARG A 96 11.62 -40.81 20.81
CA ARG A 96 11.06 -39.50 21.09
C ARG A 96 11.85 -38.83 22.20
N SER A 97 12.62 -39.65 22.90
CA SER A 97 13.36 -39.18 24.06
C SER A 97 14.45 -38.19 23.69
N GLU A 98 14.92 -38.26 22.45
CA GLU A 98 16.11 -37.52 22.06
C GLU A 98 15.88 -36.31 21.15
N ILE A 99 14.63 -36.00 20.82
CA ILE A 99 14.37 -34.80 20.03
C ILE A 99 14.82 -33.57 20.79
N ILE A 100 15.54 -32.70 20.08
CA ILE A 100 16.26 -31.61 20.70
C ILE A 100 15.37 -30.56 21.33
N GLN A 101 14.22 -30.30 20.68
CA GLN A 101 13.38 -29.13 20.95
C GLN A 101 14.19 -27.89 21.36
N ILE A 102 14.57 -27.13 20.35
CA ILE A 102 15.48 -25.99 20.49
C ILE A 102 14.94 -24.88 21.38
N THR A 103 15.81 -24.29 22.18
CA THR A 103 15.44 -23.13 23.01
C THR A 103 15.11 -21.93 22.14
N THR A 104 14.12 -21.15 22.56
CA THR A 104 13.70 -19.98 21.81
C THR A 104 14.54 -18.75 22.15
N GLY A 105 15.42 -18.88 23.13
CA GLY A 105 16.20 -17.74 23.59
C GLY A 105 15.54 -16.93 24.70
N SER A 106 14.48 -17.47 25.27
CA SER A 106 13.86 -16.88 26.45
C SER A 106 13.18 -17.95 27.28
N LYS A 107 13.11 -17.73 28.60
CA LYS A 107 12.65 -18.78 29.50
C LYS A 107 11.16 -19.07 29.41
N GLU A 108 10.34 -18.03 29.42
CA GLU A 108 8.89 -18.24 29.49
C GLU A 108 8.36 -18.93 28.24
N LEU A 109 8.95 -18.64 27.09
CA LEU A 109 8.63 -19.38 25.88
C LEU A 109 9.09 -20.83 26.00
N ASP A 110 10.19 -21.04 26.71
CA ASP A 110 10.69 -22.39 26.93
C ASP A 110 9.72 -23.17 27.80
N LYS A 111 8.99 -22.46 28.66
CA LYS A 111 7.98 -23.11 29.48
C LYS A 111 6.71 -23.37 28.69
N LEU A 112 6.31 -22.40 27.88
CA LEU A 112 5.12 -22.56 27.06
C LEU A 112 5.27 -23.74 26.14
N LEU A 113 6.39 -23.75 25.43
CA LEU A 113 6.64 -24.73 24.38
C LEU A 113 7.20 -26.00 24.99
N GLN A 114 7.40 -25.96 26.31
CA GLN A 114 7.96 -27.06 27.04
C GLN A 114 9.32 -27.39 26.44
N GLY A 115 10.28 -26.51 26.70
CA GLY A 115 11.63 -26.69 26.19
C GLY A 115 11.87 -26.13 24.80
N GLY A 116 10.84 -25.54 24.19
CA GLY A 116 10.98 -24.92 22.89
C GLY A 116 10.61 -25.77 21.69
N ILE A 117 10.78 -25.19 20.50
CA ILE A 117 10.35 -25.81 19.25
C ILE A 117 11.05 -27.11 18.92
N GLU A 118 10.27 -28.13 18.57
CA GLU A 118 10.82 -29.45 18.26
C GLU A 118 11.41 -29.54 16.87
N THR A 119 12.41 -30.42 16.74
CA THR A 119 12.90 -30.84 15.45
C THR A 119 11.98 -31.89 14.84
N GLY A 120 11.97 -31.99 13.52
CA GLY A 120 11.17 -33.00 12.83
C GLY A 120 9.72 -32.62 12.65
N SER A 121 9.41 -31.33 12.89
CA SER A 121 8.04 -30.76 12.93
C SER A 121 7.81 -29.43 12.15
N ILE A 122 6.54 -29.05 11.98
CA ILE A 122 6.11 -27.77 11.35
C ILE A 122 5.46 -26.87 12.44
N THR A 123 5.81 -25.56 12.45
CA THR A 123 5.30 -24.59 13.45
C THR A 123 4.65 -23.33 12.79
N GLU A 124 3.96 -22.48 13.57
CA GLU A 124 3.10 -21.44 13.00
C GLU A 124 2.99 -20.10 13.74
N MET A 125 3.18 -18.99 13.03
CA MET A 125 3.10 -17.70 13.66
C MET A 125 1.77 -17.06 13.32
N PHE A 126 0.98 -16.79 14.35
CA PHE A 126 -0.28 -16.09 14.18
C PHE A 126 -0.10 -14.68 14.70
N GLY A 127 -0.33 -13.71 13.84
CA GLY A 127 -0.17 -12.32 14.19
C GLY A 127 -0.90 -11.45 13.20
N GLU A 128 -1.06 -10.17 13.55
CA GLU A 128 -1.71 -9.22 12.66
C GLU A 128 -0.68 -8.30 12.03
N PHE A 129 0.31 -7.91 12.82
CA PHE A 129 1.40 -7.06 12.35
C PHE A 129 2.08 -6.39 13.54
N ARG A 130 3.41 -6.35 13.52
CA ARG A 130 4.17 -5.79 14.63
C ARG A 130 4.08 -6.72 15.84
N THR A 131 3.99 -8.02 15.57
CA THR A 131 3.90 -9.02 16.61
C THR A 131 5.24 -9.71 16.84
N GLY A 132 6.25 -9.31 16.07
CA GLY A 132 7.59 -9.80 16.30
C GLY A 132 7.80 -11.24 15.89
N LYS A 133 6.98 -11.72 14.97
CA LYS A 133 7.14 -13.08 14.46
C LYS A 133 8.44 -13.27 13.67
N THR A 134 8.74 -12.35 12.76
CA THR A 134 9.99 -12.43 12.03
C THR A 134 11.16 -12.20 12.98
N GLN A 135 10.90 -11.47 14.04
CA GLN A 135 11.89 -11.22 15.08
C GLN A 135 12.33 -12.54 15.70
N ILE A 136 11.33 -13.31 16.08
CA ILE A 136 11.55 -14.62 16.65
C ILE A 136 12.25 -15.50 15.64
N CYS A 137 11.93 -15.31 14.37
CA CYS A 137 12.61 -16.08 13.35
C CYS A 137 14.11 -15.76 13.33
N HIS A 138 14.45 -14.50 13.55
CA HIS A 138 15.87 -14.15 13.64
C HIS A 138 16.53 -14.82 14.82
N THR A 139 15.93 -14.68 15.99
CA THR A 139 16.59 -15.18 17.18
C THR A 139 16.75 -16.69 17.12
N LEU A 140 15.77 -17.38 16.54
CA LEU A 140 15.91 -18.81 16.36
C LEU A 140 17.03 -19.09 15.38
N ALA A 141 17.13 -18.25 14.36
CA ALA A 141 18.09 -18.47 13.29
C ALA A 141 19.50 -18.41 13.83
N VAL A 142 19.73 -17.57 14.83
CA VAL A 142 21.04 -17.56 15.47
C VAL A 142 21.19 -18.66 16.51
N THR A 143 20.15 -18.88 17.29
CA THR A 143 20.25 -19.77 18.45
C THR A 143 20.30 -21.24 18.09
N CYS A 144 20.03 -21.59 16.84
CA CYS A 144 20.28 -22.97 16.45
C CYS A 144 21.77 -23.31 16.51
N GLN A 145 22.61 -22.30 16.42
CA GLN A 145 24.05 -22.52 16.36
C GLN A 145 24.71 -22.74 17.71
N LEU A 146 23.96 -22.57 18.80
CA LEU A 146 24.52 -22.82 20.11
C LEU A 146 24.83 -24.29 20.30
N PRO A 147 25.78 -24.61 21.20
CA PRO A 147 26.04 -26.01 21.52
C PRO A 147 24.82 -26.66 22.17
N ILE A 148 24.66 -27.95 21.92
CA ILE A 148 23.42 -28.67 22.20
C ILE A 148 23.03 -28.58 23.67
N ASP A 149 24.02 -28.40 24.54
CA ASP A 149 23.75 -28.26 25.96
C ASP A 149 22.89 -27.03 26.19
N ARG A 150 23.05 -26.05 25.31
CA ARG A 150 22.23 -24.86 25.34
C ARG A 150 20.98 -25.03 24.48
N GLY A 151 20.86 -26.19 23.84
CA GLY A 151 19.68 -26.50 23.07
C GLY A 151 19.81 -26.29 21.56
N GLY A 152 20.87 -25.62 21.14
CA GLY A 152 21.12 -25.44 19.72
C GLY A 152 21.41 -26.76 19.05
N GLY A 153 20.94 -26.94 17.83
CA GLY A 153 21.09 -28.22 17.15
C GLY A 153 22.46 -28.37 16.53
N GLU A 154 23.26 -27.30 16.61
CA GLU A 154 24.57 -27.28 15.97
C GLU A 154 24.41 -27.42 14.46
N GLY A 155 23.25 -27.01 13.97
CA GLY A 155 22.94 -27.15 12.56
C GLY A 155 22.82 -25.83 11.81
N LYS A 156 23.56 -25.74 10.71
CA LYS A 156 23.53 -24.59 9.84
C LYS A 156 22.07 -24.28 9.55
N ALA A 157 21.76 -23.00 9.39
CA ALA A 157 20.38 -22.57 9.22
C ALA A 157 20.14 -21.89 7.88
N MET A 158 19.08 -22.31 7.19
CA MET A 158 18.71 -21.70 5.92
C MET A 158 17.41 -20.92 6.13
N TYR A 159 17.37 -19.79 5.61
CA TYR A 159 16.30 -18.84 5.87
C TYR A 159 15.65 -18.36 4.58
N ILE A 160 14.50 -18.93 4.24
CA ILE A 160 13.83 -18.57 3.00
C ILE A 160 12.91 -17.38 3.21
N ASP A 161 13.48 -16.18 3.05
CA ASP A 161 12.68 -14.97 3.14
C ASP A 161 11.85 -14.80 1.87
N THR A 162 10.68 -14.20 2.02
CA THR A 162 9.79 -13.97 0.88
C THR A 162 9.20 -12.57 0.91
N GLU A 163 9.78 -11.70 1.74
CA GLU A 163 9.42 -10.28 1.70
C GLU A 163 10.66 -9.40 1.74
N GLY A 164 11.83 -10.02 1.84
CA GLY A 164 13.08 -9.30 1.76
C GLY A 164 13.39 -8.55 3.04
N THR A 165 12.62 -8.87 4.07
CA THR A 165 12.68 -8.12 5.32
C THR A 165 13.79 -8.59 6.25
N PHE A 166 14.52 -9.62 5.83
CA PHE A 166 15.61 -10.19 6.61
C PHE A 166 16.69 -9.16 6.94
N ARG A 167 17.11 -9.12 8.20
CA ARG A 167 18.08 -8.14 8.64
C ARG A 167 19.30 -8.77 9.31
N PRO A 168 20.45 -8.75 8.62
CA PRO A 168 21.69 -9.27 9.18
C PRO A 168 22.07 -8.53 10.47
N GLU A 169 21.71 -7.27 10.54
CA GLU A 169 22.07 -6.44 11.67
C GLU A 169 21.52 -7.02 12.96
N ARG A 170 20.29 -7.52 12.88
CA ARG A 170 19.69 -8.13 14.06
C ARG A 170 20.43 -9.41 14.42
N LEU A 171 20.94 -10.11 13.42
CA LEU A 171 21.69 -11.32 13.71
C LEU A 171 22.98 -10.96 14.44
N LEU A 172 23.57 -9.83 14.08
CA LEU A 172 24.73 -9.36 14.82
C LEU A 172 24.34 -8.97 16.24
N ALA A 173 23.13 -8.47 16.42
CA ALA A 173 22.68 -8.09 17.75
C ALA A 173 22.53 -9.31 18.65
N VAL A 174 21.89 -10.35 18.11
CA VAL A 174 21.75 -11.58 18.87
C VAL A 174 23.13 -12.19 19.09
N ALA A 175 24.03 -11.95 18.14
CA ALA A 175 25.38 -12.45 18.30
C ALA A 175 26.05 -11.78 19.49
N GLU A 176 25.73 -10.52 19.71
CA GLU A 176 26.19 -9.85 20.93
C GLU A 176 25.53 -10.52 22.12
N ARG A 177 24.28 -10.90 21.94
CA ARG A 177 23.47 -11.46 23.01
C ARG A 177 23.99 -12.79 23.54
N TYR A 178 24.61 -13.58 22.67
CA TYR A 178 25.04 -14.92 23.08
C TYR A 178 26.54 -15.15 22.98
N GLY A 179 27.28 -14.09 22.71
CA GLY A 179 28.72 -14.08 22.92
C GLY A 179 29.50 -14.74 21.82
N LEU A 180 28.81 -15.41 20.91
CA LEU A 180 29.48 -15.94 19.73
C LEU A 180 29.78 -14.82 18.76
N SER A 181 30.90 -14.95 18.04
CA SER A 181 31.26 -13.95 17.05
C SER A 181 30.20 -13.90 15.96
N GLY A 182 29.89 -12.70 15.51
CA GLY A 182 28.84 -12.53 14.53
C GLY A 182 29.23 -13.09 13.17
N SER A 183 30.51 -13.01 12.85
CA SER A 183 30.99 -13.49 11.56
C SER A 183 30.77 -14.99 11.44
N ASP A 184 30.97 -15.72 12.52
CA ASP A 184 30.73 -17.17 12.51
C ASP A 184 29.27 -17.50 12.31
N VAL A 185 28.41 -16.65 12.85
CA VAL A 185 26.98 -16.84 12.74
C VAL A 185 26.54 -16.58 11.31
N LEU A 186 27.10 -15.55 10.72
CA LEU A 186 26.73 -15.17 9.38
C LEU A 186 27.38 -16.08 8.37
N ASP A 187 28.38 -16.83 8.79
CA ASP A 187 29.02 -17.78 7.90
C ASP A 187 28.03 -18.84 7.47
N ASN A 188 27.10 -19.16 8.35
CA ASN A 188 25.97 -20.00 7.98
C ASN A 188 24.85 -19.10 7.54
N VAL A 189 23.63 -19.41 7.97
CA VAL A 189 22.47 -18.60 7.65
C VAL A 189 22.38 -18.41 6.14
N ALA A 190 21.94 -19.46 5.45
CA ALA A 190 21.87 -19.46 4.01
C ALA A 190 20.60 -18.76 3.55
N TYR A 191 20.64 -17.44 3.55
CA TYR A 191 19.53 -16.61 3.10
C TYR A 191 19.18 -16.84 1.65
N ALA A 192 17.88 -16.87 1.37
CA ALA A 192 17.40 -17.02 0.00
C ALA A 192 16.12 -16.21 -0.18
N ARG A 193 15.96 -15.66 -1.37
CA ARG A 193 14.97 -14.62 -1.61
C ARG A 193 13.98 -15.03 -2.71
N ALA A 194 12.84 -15.56 -2.28
CA ALA A 194 11.80 -16.02 -3.20
C ALA A 194 10.96 -14.86 -3.74
N PHE A 195 10.37 -15.06 -4.92
CA PHE A 195 9.44 -14.07 -5.46
C PHE A 195 8.17 -14.75 -6.00
N ASN A 196 8.33 -15.58 -7.02
CA ASN A 196 7.21 -16.33 -7.57
C ASN A 196 6.74 -17.41 -6.61
N THR A 197 5.46 -17.76 -6.67
CA THR A 197 5.00 -18.88 -5.86
C THR A 197 5.69 -20.16 -6.27
N ASP A 198 5.95 -20.28 -7.56
CA ASP A 198 6.62 -21.46 -8.08
C ASP A 198 8.08 -21.50 -7.65
N HIS A 199 8.64 -20.33 -7.39
CA HIS A 199 10.04 -20.21 -7.05
C HIS A 199 10.35 -20.93 -5.75
N GLN A 200 9.38 -20.92 -4.84
CA GLN A 200 9.57 -21.54 -3.54
C GLN A 200 9.82 -23.02 -3.69
N THR A 201 9.24 -23.59 -4.73
CA THR A 201 9.42 -25.00 -5.00
C THR A 201 10.86 -25.30 -5.38
N GLN A 202 11.40 -24.51 -6.29
CA GLN A 202 12.78 -24.71 -6.71
C GLN A 202 13.69 -24.51 -5.53
N LEU A 203 13.33 -23.57 -4.66
CA LEU A 203 14.13 -23.35 -3.47
C LEU A 203 14.05 -24.55 -2.54
N LEU A 204 12.92 -25.26 -2.57
CA LEU A 204 12.83 -26.47 -1.76
C LEU A 204 13.71 -27.56 -2.32
N TYR A 205 13.67 -27.78 -3.63
CA TYR A 205 14.51 -28.84 -4.18
C TYR A 205 15.99 -28.52 -3.99
N GLN A 206 16.36 -27.25 -4.11
CA GLN A 206 17.74 -26.89 -3.83
C GLN A 206 18.07 -27.08 -2.36
N ALA A 207 17.07 -26.90 -1.50
CA ALA A 207 17.28 -27.11 -0.08
C ALA A 207 17.62 -28.55 0.17
N SER A 208 16.82 -29.43 -0.42
CA SER A 208 17.03 -30.86 -0.26
C SER A 208 18.37 -31.25 -0.82
N ALA A 209 18.79 -30.56 -1.87
CA ALA A 209 20.12 -30.77 -2.42
C ALA A 209 21.20 -30.37 -1.42
N MET A 210 20.94 -29.33 -0.65
CA MET A 210 21.91 -28.86 0.34
C MET A 210 21.92 -29.66 1.61
N MET A 211 20.86 -30.42 1.84
CA MET A 211 20.73 -31.19 3.07
C MET A 211 21.78 -32.29 3.17
N VAL A 212 22.23 -32.77 2.03
CA VAL A 212 23.13 -33.91 1.97
C VAL A 212 24.49 -33.64 2.61
N GLU A 213 24.94 -32.39 2.51
CA GLU A 213 26.34 -32.09 2.75
C GLU A 213 26.68 -31.84 4.21
N SER A 214 25.80 -31.14 4.93
CA SER A 214 26.02 -30.82 6.32
C SER A 214 24.70 -30.68 7.07
N ARG A 215 24.58 -31.41 8.18
CA ARG A 215 23.37 -31.40 8.98
C ARG A 215 22.95 -29.98 9.35
N TYR A 216 21.87 -29.50 8.73
CA TYR A 216 21.32 -28.20 9.03
C TYR A 216 20.37 -28.31 10.22
N ALA A 217 20.12 -27.20 10.90
CA ALA A 217 19.21 -27.22 12.03
C ALA A 217 17.79 -26.94 11.60
N LEU A 218 17.62 -25.79 10.96
CA LEU A 218 16.30 -25.21 10.82
C LEU A 218 16.04 -24.60 9.47
N LEU A 219 14.88 -24.93 8.90
CA LEU A 219 14.27 -24.13 7.87
C LEU A 219 13.32 -23.12 8.46
N ILE A 220 13.45 -21.88 8.00
CA ILE A 220 12.50 -20.86 8.39
C ILE A 220 11.84 -20.33 7.14
N VAL A 221 10.56 -20.05 7.25
CA VAL A 221 9.87 -19.30 6.21
C VAL A 221 9.00 -18.26 6.90
N ASP A 222 9.35 -17.00 6.67
CA ASP A 222 8.54 -15.87 7.11
C ASP A 222 7.12 -15.91 6.54
N SER A 223 6.98 -15.86 5.22
CA SER A 223 5.66 -15.76 4.63
C SER A 223 5.50 -16.75 3.50
N ALA A 224 5.29 -18.01 3.85
CA ALA A 224 5.03 -19.02 2.86
C ALA A 224 3.74 -18.69 2.14
N THR A 225 2.86 -18.01 2.86
CA THR A 225 1.50 -17.80 2.39
C THR A 225 1.30 -16.50 1.63
N ALA A 226 2.17 -15.53 1.86
CA ALA A 226 1.94 -14.17 1.36
C ALA A 226 1.88 -14.08 -0.16
N LEU A 227 2.67 -14.89 -0.84
CA LEU A 227 2.69 -14.87 -2.29
C LEU A 227 1.35 -15.33 -2.84
N TYR A 228 0.75 -16.27 -2.11
CA TYR A 228 -0.49 -16.90 -2.55
C TYR A 228 -1.68 -15.97 -2.53
N ARG A 229 -1.63 -14.94 -1.69
CA ARG A 229 -2.68 -13.93 -1.76
C ARG A 229 -2.57 -13.19 -3.08
N THR A 230 -1.44 -12.52 -3.27
CA THR A 230 -1.28 -11.62 -4.39
C THR A 230 -1.36 -12.31 -5.75
N ASP A 231 -0.94 -13.55 -5.82
CA ASP A 231 -0.94 -14.23 -7.12
C ASP A 231 -2.27 -14.88 -7.46
N TYR A 232 -2.90 -15.51 -6.49
CA TYR A 232 -4.16 -16.21 -6.75
C TYR A 232 -5.36 -15.44 -6.22
N SER A 233 -5.86 -14.51 -7.01
CA SER A 233 -6.98 -13.70 -6.57
C SER A 233 -8.29 -14.46 -6.77
N GLY A 234 -8.50 -15.48 -5.96
CA GLY A 234 -9.66 -16.36 -6.11
C GLY A 234 -10.85 -15.96 -5.27
N ARG A 235 -11.95 -16.71 -5.35
CA ARG A 235 -12.04 -17.90 -6.20
C ARG A 235 -12.57 -17.54 -7.59
N GLY A 236 -11.80 -17.86 -8.63
CA GLY A 236 -10.52 -18.51 -8.45
C GLY A 236 -10.19 -19.34 -9.67
N GLU A 237 -9.01 -19.95 -9.69
CA GLU A 237 -8.04 -19.86 -8.58
C GLU A 237 -8.49 -20.56 -7.31
N LEU A 238 -7.91 -20.15 -6.18
CA LEU A 238 -8.27 -20.70 -4.88
C LEU A 238 -8.12 -22.21 -4.88
N SER A 239 -8.95 -22.88 -5.66
CA SER A 239 -8.89 -24.32 -5.80
C SER A 239 -7.54 -24.72 -6.34
N ALA A 240 -6.93 -23.83 -7.11
CA ALA A 240 -5.57 -24.03 -7.54
C ALA A 240 -4.60 -23.65 -6.43
N ARG A 241 -4.97 -22.65 -5.66
CA ARG A 241 -4.08 -22.15 -4.61
C ARG A 241 -3.88 -23.20 -3.54
N GLN A 242 -4.98 -23.78 -3.09
CA GLN A 242 -4.94 -24.85 -2.10
C GLN A 242 -4.21 -26.05 -2.71
N MET A 243 -4.42 -26.24 -4.01
CA MET A 243 -3.80 -27.33 -4.72
C MET A 243 -2.29 -27.22 -4.69
N HIS A 244 -1.80 -26.00 -4.67
CA HIS A 244 -0.37 -25.79 -4.65
C HIS A 244 0.17 -25.88 -3.23
N LEU A 245 -0.56 -25.28 -2.29
CA LEU A 245 -0.12 -25.29 -0.91
C LEU A 245 -0.01 -26.68 -0.36
N ALA A 246 -0.92 -27.57 -0.78
CA ALA A 246 -0.91 -28.91 -0.23
C ALA A 246 0.40 -29.62 -0.59
N ARG A 247 0.85 -29.41 -1.81
CA ARG A 247 2.11 -29.99 -2.23
C ARG A 247 3.27 -29.35 -1.51
N PHE A 248 3.19 -28.04 -1.31
CA PHE A 248 4.27 -27.33 -0.65
C PHE A 248 4.47 -27.87 0.74
N LEU A 249 3.37 -27.96 1.48
CA LEU A 249 3.42 -28.44 2.85
C LEU A 249 3.83 -29.90 2.90
N ARG A 250 3.42 -30.68 1.91
CA ARG A 250 3.85 -32.07 1.90
C ARG A 250 5.35 -32.15 1.73
N MET A 251 5.90 -31.26 0.91
CA MET A 251 7.35 -31.26 0.72
C MET A 251 8.05 -30.88 2.00
N LEU A 252 7.46 -29.94 2.74
CA LEU A 252 8.04 -29.56 4.00
C LEU A 252 8.03 -30.75 4.95
N LEU A 253 7.00 -31.56 4.86
CA LEU A 253 7.01 -32.80 5.62
C LEU A 253 8.08 -33.76 5.12
N ARG A 254 8.34 -33.73 3.81
CA ARG A 254 9.34 -34.63 3.26
C ARG A 254 10.68 -34.30 3.82
N LEU A 255 10.93 -33.01 4.06
CA LEU A 255 12.22 -32.63 4.62
C LEU A 255 12.26 -32.93 6.11
N ALA A 256 11.22 -32.49 6.80
CA ALA A 256 11.19 -32.56 8.25
C ALA A 256 11.17 -33.99 8.78
N ASP A 257 10.56 -34.89 8.03
CA ASP A 257 10.43 -36.27 8.48
C ASP A 257 11.74 -37.00 8.33
N GLU A 258 12.66 -36.39 7.59
CA GLU A 258 13.95 -36.99 7.33
C GLU A 258 15.04 -36.41 8.22
N PHE A 259 15.22 -35.10 8.14
CA PHE A 259 16.44 -34.50 8.63
C PHE A 259 16.25 -33.66 9.87
N GLY A 260 15.14 -33.85 10.57
CA GLY A 260 14.84 -33.01 11.71
C GLY A 260 15.12 -31.57 11.37
N VAL A 261 15.93 -30.91 12.19
CA VAL A 261 16.30 -29.51 12.00
C VAL A 261 15.22 -28.59 12.57
N ALA A 262 14.14 -28.42 11.80
CA ALA A 262 12.97 -27.70 12.27
C ALA A 262 12.31 -26.93 11.14
N VAL A 263 10.98 -26.90 11.14
CA VAL A 263 10.24 -26.12 10.17
C VAL A 263 9.45 -25.02 10.85
N VAL A 264 9.63 -23.79 10.40
CA VAL A 264 8.90 -22.66 10.95
C VAL A 264 8.10 -21.97 9.87
N ILE A 265 6.82 -21.75 10.14
CA ILE A 265 5.95 -21.08 9.19
C ILE A 265 5.34 -19.83 9.81
N THR A 266 5.43 -18.72 9.07
CA THR A 266 4.83 -17.47 9.52
C THR A 266 3.66 -17.14 8.62
N ASN A 267 2.49 -16.90 9.22
CA ASN A 267 1.29 -16.63 8.45
C ASN A 267 0.72 -15.25 8.68
N GLN A 268 0.44 -14.55 7.58
CA GLN A 268 -0.32 -13.30 7.66
C GLN A 268 -1.71 -13.67 8.16
N VAL A 269 -2.48 -12.68 8.59
CA VAL A 269 -3.80 -12.98 9.15
C VAL A 269 -4.94 -12.57 8.23
N VAL A 270 -6.07 -13.25 8.38
CA VAL A 270 -7.27 -12.95 7.61
C VAL A 270 -8.43 -12.63 8.55
N ALA A 271 -8.77 -11.35 8.64
CA ALA A 271 -9.79 -10.90 9.54
C ALA A 271 -11.22 -11.20 8.95
N GLN A 272 -12.07 -11.92 9.73
CA GLN A 272 -13.46 -12.23 9.37
C GLN A 272 -14.33 -11.00 9.30
N VAL A 273 -15.41 -11.10 8.54
CA VAL A 273 -16.46 -10.11 8.58
C VAL A 273 -17.75 -10.88 8.84
N ASP A 274 -18.68 -10.24 9.57
CA ASP A 274 -19.93 -10.86 9.96
C ASP A 274 -19.72 -12.12 10.78
N GLY A 275 -18.79 -12.06 11.71
CA GLY A 275 -18.55 -13.13 12.65
C GLY A 275 -19.28 -12.87 13.95
N ALA A 276 -18.78 -13.46 15.04
CA ALA A 276 -19.33 -13.20 16.36
C ALA A 276 -18.23 -12.97 17.39
N ALA A 277 -18.47 -12.03 18.31
CA ALA A 277 -17.54 -11.68 19.37
C ALA A 277 -16.14 -11.36 18.83
N ASP A 282 -10.36 -12.37 18.11
CA ASP A 282 -11.36 -13.22 17.49
C ASP A 282 -11.61 -12.88 16.02
N PRO A 283 -11.60 -11.58 15.66
CA PRO A 283 -11.68 -11.34 14.21
C PRO A 283 -10.38 -11.69 13.49
N LYS A 284 -10.01 -12.97 13.47
CA LYS A 284 -8.72 -13.37 12.94
C LYS A 284 -8.76 -14.61 12.04
N LYS A 285 -8.13 -15.69 12.51
CA LYS A 285 -7.86 -16.89 11.73
C LYS A 285 -6.90 -16.64 10.58
N PRO A 286 -5.85 -17.45 10.50
CA PRO A 286 -4.83 -17.47 9.45
C PRO A 286 -5.41 -17.81 8.10
N ILE A 287 -4.85 -17.24 7.04
CA ILE A 287 -5.29 -17.59 5.71
C ILE A 287 -4.72 -18.94 5.33
N GLY A 288 -5.18 -19.49 4.22
CA GLY A 288 -4.74 -20.79 3.76
C GLY A 288 -5.77 -21.85 4.03
N GLY A 289 -6.78 -21.49 4.81
CA GLY A 289 -7.90 -22.37 5.01
C GLY A 289 -7.52 -23.60 5.79
N ASN A 290 -8.27 -24.67 5.58
CA ASN A 290 -8.09 -25.89 6.33
C ASN A 290 -6.74 -26.55 6.10
N ILE A 291 -6.27 -26.52 4.87
CA ILE A 291 -5.14 -27.34 4.48
C ILE A 291 -3.88 -27.00 5.23
N ILE A 292 -3.68 -25.73 5.55
CA ILE A 292 -2.56 -25.38 6.40
C ILE A 292 -2.81 -25.93 7.78
N ALA A 293 -4.03 -25.75 8.26
CA ALA A 293 -4.34 -26.01 9.65
C ALA A 293 -4.14 -27.46 10.03
N HIS A 294 -4.56 -28.35 9.15
CA HIS A 294 -4.46 -29.77 9.45
C HIS A 294 -3.03 -30.24 9.43
N ALA A 295 -2.18 -29.52 8.70
CA ALA A 295 -0.82 -29.97 8.46
C ALA A 295 0.10 -29.77 9.64
N SER A 296 0.04 -28.60 10.25
CA SER A 296 1.00 -28.22 11.28
C SER A 296 0.90 -29.09 12.52
N THR A 297 2.05 -29.52 13.04
CA THR A 297 2.08 -30.24 14.29
C THR A 297 1.72 -29.31 15.44
N THR A 298 2.04 -28.03 15.29
CA THR A 298 1.83 -27.07 16.36
C THR A 298 1.18 -25.81 15.81
N ARG A 299 0.94 -24.84 16.68
CA ARG A 299 0.45 -23.54 16.23
C ARG A 299 0.70 -22.50 17.31
N LEU A 300 0.95 -21.26 16.90
CA LEU A 300 1.12 -20.18 17.87
C LEU A 300 0.37 -18.93 17.46
N TYR A 301 0.14 -18.04 18.41
CA TYR A 301 -0.63 -16.84 18.18
C TYR A 301 -0.03 -15.72 18.99
N LEU A 302 0.06 -14.53 18.43
CA LEU A 302 0.86 -13.48 19.04
C LEU A 302 0.14 -12.14 19.09
N ARG A 303 -0.37 -11.78 20.26
CA ARG A 303 -1.02 -10.48 20.42
C ARG A 303 -0.04 -9.46 20.97
N LYS A 304 -0.03 -8.25 20.44
CA LYS A 304 0.85 -7.24 21.01
C LYS A 304 0.38 -6.86 22.40
N GLY A 305 1.31 -6.66 23.31
CA GLY A 305 0.99 -6.09 24.62
C GLY A 305 1.29 -4.60 24.60
N ARG A 306 1.35 -3.98 25.77
CA ARG A 306 1.80 -2.61 25.85
C ARG A 306 3.31 -2.55 25.68
N GLY A 307 3.79 -1.47 25.08
CA GLY A 307 5.22 -1.30 24.87
C GLY A 307 5.81 -2.39 23.99
N GLU A 308 7.01 -2.84 24.34
CA GLU A 308 7.63 -3.94 23.60
C GLU A 308 6.94 -5.28 23.84
N THR A 309 6.26 -5.40 24.98
CA THR A 309 5.75 -6.68 25.47
C THR A 309 4.76 -7.33 24.52
N ARG A 310 4.85 -8.65 24.38
CA ARG A 310 4.00 -9.39 23.46
C ARG A 310 3.48 -10.63 24.15
N ILE A 311 2.41 -11.20 23.61
CA ILE A 311 1.77 -12.36 24.21
C ILE A 311 1.70 -13.53 23.25
N CYS A 312 2.44 -14.59 23.56
CA CYS A 312 2.27 -15.86 22.87
C CYS A 312 1.09 -16.65 23.43
N GLN A 313 0.47 -17.45 22.57
CA GLN A 313 -0.65 -18.30 22.95
C GLN A 313 -0.76 -19.46 21.98
N ILE A 314 -0.83 -20.68 22.52
CA ILE A 314 -0.81 -21.89 21.71
C ILE A 314 -2.12 -22.20 21.00
N TYR A 315 -2.01 -22.73 19.78
CA TYR A 315 -3.09 -23.52 19.19
C TYR A 315 -2.54 -24.89 18.77
N ASP A 316 -3.45 -25.87 18.71
CA ASP A 316 -3.26 -27.09 17.95
C ASP A 316 -1.90 -27.77 18.19
N SER A 317 -1.50 -27.90 19.45
CA SER A 317 -0.35 -28.74 19.75
C SER A 317 -0.80 -29.91 20.58
N PRO A 318 -0.76 -31.12 20.01
CA PRO A 318 -1.17 -32.34 20.71
C PRO A 318 -0.35 -32.55 21.97
N CYS A 319 0.91 -32.12 21.92
CA CYS A 319 1.81 -32.26 23.04
C CYS A 319 1.40 -31.46 24.26
N LEU A 320 0.74 -30.32 24.04
CA LEU A 320 0.64 -29.34 25.10
C LEU A 320 -0.77 -28.80 25.34
N PRO A 321 -1.09 -28.55 26.61
CA PRO A 321 -2.27 -27.78 27.04
C PRO A 321 -2.12 -26.34 26.61
N GLU A 322 -3.23 -25.65 26.34
CA GLU A 322 -3.13 -24.24 25.96
C GLU A 322 -2.53 -23.41 27.07
N ALA A 323 -1.70 -22.45 26.67
CA ALA A 323 -1.03 -21.57 27.63
C ALA A 323 -0.70 -20.24 26.96
N GLU A 324 -0.27 -19.27 27.74
CA GLU A 324 0.02 -17.96 27.20
C GLU A 324 1.08 -17.23 28.01
N ALA A 325 1.88 -16.38 27.36
CA ALA A 325 2.92 -15.69 28.12
C ALA A 325 3.51 -14.44 27.47
N MET A 326 4.01 -13.56 28.32
CA MET A 326 4.63 -12.31 27.93
C MET A 326 6.05 -12.53 27.43
N PHE A 327 6.51 -11.65 26.55
CA PHE A 327 7.95 -11.43 26.37
C PHE A 327 8.22 -10.10 25.71
N ALA A 328 9.24 -9.40 26.19
CA ALA A 328 9.64 -8.14 25.59
C ALA A 328 10.47 -8.35 24.34
N ILE A 329 10.43 -7.38 23.43
CA ILE A 329 11.29 -7.39 22.27
C ILE A 329 12.36 -6.31 22.43
N ASN A 330 13.46 -6.67 23.09
CA ASN A 330 14.51 -5.70 23.39
C ASN A 330 15.31 -5.35 22.15
N ALA A 331 16.44 -4.69 22.37
CA ALA A 331 17.42 -4.53 21.31
C ALA A 331 17.94 -5.91 20.96
N ASP A 332 17.93 -6.79 21.96
CA ASP A 332 18.28 -8.20 21.75
C ASP A 332 17.04 -8.99 21.42
N GLY A 333 15.92 -8.29 21.24
CA GLY A 333 14.67 -8.92 20.86
C GLY A 333 14.03 -9.71 21.96
N VAL A 334 13.76 -10.97 21.68
CA VAL A 334 13.06 -11.84 22.61
C VAL A 334 13.79 -11.97 23.94
N GLY A 335 13.04 -11.88 25.05
CA GLY A 335 13.63 -11.96 26.38
C GLY A 335 12.57 -11.96 27.46
N ASP A 336 12.59 -10.94 28.32
CA ASP A 336 11.56 -10.75 29.32
C ASP A 336 10.99 -9.33 29.26
N PRO B 22 18.43 -3.51 -13.69
CA PRO B 22 18.89 -2.63 -14.76
C PRO B 22 19.30 -3.40 -16.01
N GLN B 23 18.58 -4.48 -16.30
CA GLN B 23 18.91 -5.33 -17.44
C GLN B 23 17.78 -5.43 -18.44
N PRO B 24 17.87 -4.68 -19.55
CA PRO B 24 16.86 -4.63 -20.61
C PRO B 24 16.65 -5.97 -21.31
N ILE B 25 15.42 -6.20 -21.78
CA ILE B 25 15.01 -7.48 -22.36
C ILE B 25 15.84 -7.81 -23.60
N SER B 26 16.46 -6.80 -24.20
CA SER B 26 17.26 -7.02 -25.39
C SER B 26 18.38 -8.03 -25.14
N ARG B 27 18.84 -8.13 -23.89
CA ARG B 27 19.82 -9.15 -23.55
C ARG B 27 19.20 -10.52 -23.69
N LEU B 28 17.89 -10.61 -23.53
CA LEU B 28 17.16 -11.85 -23.73
C LEU B 28 16.85 -12.07 -25.20
N GLU B 29 17.14 -11.07 -26.02
CA GLU B 29 17.07 -11.26 -27.47
C GLU B 29 18.28 -12.07 -27.86
N GLN B 30 18.28 -13.31 -27.40
CA GLN B 30 19.44 -14.19 -27.41
C GLN B 30 18.93 -15.61 -27.20
N CYS B 31 19.76 -16.59 -27.55
CA CYS B 31 19.45 -18.01 -27.35
C CYS B 31 18.14 -18.39 -28.05
N GLY B 32 17.96 -17.87 -29.25
CA GLY B 32 16.91 -18.34 -30.14
C GLY B 32 15.53 -17.73 -29.94
N ILE B 33 15.39 -16.85 -28.94
CA ILE B 33 14.12 -16.17 -28.77
C ILE B 33 13.90 -15.22 -29.94
N ASN B 34 12.69 -15.22 -30.50
CA ASN B 34 12.38 -14.29 -31.58
C ASN B 34 12.27 -12.87 -31.10
N ALA B 35 12.80 -11.93 -31.88
CA ALA B 35 12.78 -10.53 -31.50
C ALA B 35 11.35 -9.99 -31.45
N ASN B 36 10.48 -10.51 -32.31
CA ASN B 36 9.06 -10.15 -32.23
C ASN B 36 8.34 -10.84 -31.09
N ASP B 37 8.84 -12.00 -30.66
CA ASP B 37 8.34 -12.61 -29.44
C ASP B 37 8.76 -11.74 -28.26
N VAL B 38 9.96 -11.20 -28.35
CA VAL B 38 10.47 -10.29 -27.35
C VAL B 38 9.62 -9.03 -27.30
N LYS B 39 9.18 -8.59 -28.47
CA LYS B 39 8.38 -7.39 -28.56
C LYS B 39 6.91 -7.69 -28.28
N LYS B 40 6.58 -8.98 -28.19
CA LYS B 40 5.31 -9.36 -27.59
C LYS B 40 5.46 -9.18 -26.10
N LEU B 41 6.61 -9.62 -25.59
CA LEU B 41 6.86 -9.57 -24.15
C LEU B 41 6.92 -8.15 -23.64
N GLU B 42 7.36 -7.23 -24.49
CA GLU B 42 7.54 -5.83 -24.11
C GLU B 42 6.22 -5.22 -23.69
N GLU B 43 5.15 -5.72 -24.28
CA GLU B 43 3.83 -5.13 -24.13
C GLU B 43 3.18 -5.51 -22.81
N ALA B 44 3.79 -6.47 -22.12
CA ALA B 44 3.27 -6.94 -20.85
C ALA B 44 3.60 -5.95 -19.75
N GLY B 45 4.41 -4.96 -20.09
CA GLY B 45 4.92 -4.02 -19.12
C GLY B 45 6.27 -4.48 -18.61
N PHE B 46 6.65 -5.69 -18.98
CA PHE B 46 7.99 -6.17 -18.72
C PHE B 46 8.95 -5.38 -19.59
N HIS B 47 10.08 -4.96 -19.04
CA HIS B 47 11.05 -4.21 -19.81
C HIS B 47 12.47 -4.53 -19.36
N THR B 48 12.57 -5.37 -18.34
CA THR B 48 13.88 -5.76 -17.83
C THR B 48 13.94 -7.24 -17.56
N VAL B 49 15.13 -7.80 -17.69
CA VAL B 49 15.32 -9.24 -17.54
C VAL B 49 14.93 -9.68 -16.14
N GLU B 50 15.22 -8.85 -15.15
CA GLU B 50 14.93 -9.20 -13.78
C GLU B 50 13.42 -9.27 -13.57
N ALA B 51 12.68 -8.43 -14.27
CA ALA B 51 11.23 -8.44 -14.16
C ALA B 51 10.67 -9.76 -14.67
N VAL B 52 11.31 -10.27 -15.72
CA VAL B 52 10.96 -11.57 -16.23
C VAL B 52 11.33 -12.65 -15.22
N ALA B 53 12.43 -12.43 -14.52
CA ALA B 53 12.91 -13.38 -13.54
C ALA B 53 11.95 -13.47 -12.35
N TYR B 54 11.26 -12.38 -12.08
CA TYR B 54 10.40 -12.32 -10.91
C TYR B 54 8.95 -12.51 -11.34
N ALA B 55 8.77 -12.80 -12.62
CA ALA B 55 7.43 -13.06 -13.14
C ALA B 55 6.99 -14.47 -12.84
N PRO B 56 5.81 -14.62 -12.23
CA PRO B 56 5.19 -15.92 -12.01
C PRO B 56 4.86 -16.59 -13.33
N LYS B 57 4.95 -17.90 -13.38
CA LYS B 57 4.75 -18.68 -14.59
C LYS B 57 3.38 -18.44 -15.24
N LYS B 58 2.35 -18.29 -14.43
CA LYS B 58 1.00 -18.20 -14.97
C LYS B 58 0.74 -16.88 -15.68
N GLU B 59 1.28 -15.79 -15.15
CA GLU B 59 1.07 -14.50 -15.78
C GLU B 59 1.71 -14.49 -17.15
N LEU B 60 2.86 -15.16 -17.24
CA LEU B 60 3.59 -15.23 -18.48
C LEU B 60 2.86 -16.13 -19.47
N ILE B 61 2.21 -17.17 -18.97
CA ILE B 61 1.45 -18.05 -19.84
C ILE B 61 0.19 -17.39 -20.40
N ASN B 62 -0.52 -16.69 -19.53
CA ASN B 62 -1.88 -16.26 -19.85
C ASN B 62 -1.94 -15.31 -21.04
N ILE B 63 -0.87 -14.52 -21.21
CA ILE B 63 -0.78 -13.63 -22.35
C ILE B 63 -0.66 -14.44 -23.65
N LYS B 64 -1.39 -14.01 -24.67
CA LYS B 64 -1.62 -14.82 -25.85
C LYS B 64 -0.41 -14.90 -26.78
N GLY B 65 -0.34 -16.00 -27.52
CA GLY B 65 0.78 -16.25 -28.41
C GLY B 65 2.01 -16.84 -27.72
N ILE B 66 1.79 -17.55 -26.61
CA ILE B 66 2.91 -18.13 -25.88
C ILE B 66 2.66 -19.57 -25.42
N SER B 67 3.39 -20.51 -26.02
CA SER B 67 3.42 -21.88 -25.52
C SER B 67 4.26 -21.93 -24.26
N GLU B 68 3.96 -22.86 -23.37
CA GLU B 68 4.66 -22.95 -22.10
C GLU B 68 6.13 -23.30 -22.26
N ALA B 69 6.46 -24.03 -23.32
CA ALA B 69 7.84 -24.39 -23.58
C ALA B 69 8.65 -23.14 -23.88
N LYS B 70 8.00 -22.16 -24.51
CA LYS B 70 8.65 -20.89 -24.73
C LYS B 70 9.01 -20.29 -23.39
N ALA B 71 8.11 -20.45 -22.43
CA ALA B 71 8.35 -19.96 -21.09
C ALA B 71 9.46 -20.75 -20.40
N ASP B 72 9.64 -22.00 -20.80
CA ASP B 72 10.77 -22.77 -20.30
C ASP B 72 12.05 -22.12 -20.79
N LYS B 73 12.06 -21.74 -22.06
CA LYS B 73 13.24 -21.09 -22.61
C LYS B 73 13.50 -19.77 -21.89
N ILE B 74 12.43 -18.99 -21.76
CA ILE B 74 12.51 -17.64 -21.23
C ILE B 74 13.00 -17.64 -19.80
N LEU B 75 12.36 -18.47 -18.97
CA LEU B 75 12.73 -18.56 -17.57
C LEU B 75 14.13 -19.14 -17.42
N ALA B 76 14.50 -20.03 -18.35
CA ALA B 76 15.83 -20.60 -18.32
C ALA B 76 16.85 -19.49 -18.54
N GLU B 77 16.46 -18.51 -19.35
CA GLU B 77 17.34 -17.36 -19.58
C GLU B 77 17.35 -16.38 -18.43
N ALA B 78 16.21 -16.24 -17.76
CA ALA B 78 16.14 -15.38 -16.59
C ALA B 78 17.04 -15.94 -15.50
N ALA B 79 17.08 -17.26 -15.39
CA ALA B 79 18.04 -17.91 -14.52
C ALA B 79 19.46 -17.78 -15.07
N LYS B 80 19.55 -17.70 -16.38
CA LYS B 80 20.84 -17.60 -17.06
C LYS B 80 21.52 -16.27 -16.76
N LEU B 81 20.73 -15.24 -16.50
CA LEU B 81 21.30 -13.93 -16.20
C LEU B 81 21.27 -13.59 -14.71
N VAL B 82 20.12 -13.81 -14.07
CA VAL B 82 20.00 -13.55 -12.66
C VAL B 82 20.10 -14.83 -11.84
N PRO B 83 21.12 -14.94 -10.98
CA PRO B 83 21.22 -16.07 -10.06
C PRO B 83 20.03 -16.06 -9.11
N MET B 84 19.52 -17.23 -8.72
CA MET B 84 18.39 -17.29 -7.82
C MET B 84 18.52 -18.41 -6.79
N GLY B 85 19.76 -18.77 -6.45
CA GLY B 85 20.01 -19.85 -5.52
C GLY B 85 20.13 -19.39 -4.08
N PHE B 86 20.60 -20.29 -3.22
CA PHE B 86 20.88 -19.96 -1.83
C PHE B 86 22.05 -19.00 -1.73
N THR B 87 22.02 -18.15 -0.70
CA THR B 87 23.07 -17.17 -0.49
C THR B 87 23.50 -17.09 0.97
N THR B 88 24.79 -16.84 1.19
CA THR B 88 25.28 -16.66 2.54
C THR B 88 24.71 -15.40 3.16
N ALA B 89 24.49 -15.43 4.47
CA ALA B 89 24.04 -14.23 5.17
C ALA B 89 25.08 -13.13 5.08
N THR B 90 26.35 -13.51 5.01
CA THR B 90 27.42 -12.54 4.92
C THR B 90 27.33 -11.72 3.64
N GLU B 91 27.10 -12.41 2.52
CA GLU B 91 27.03 -11.73 1.24
C GLU B 91 25.87 -10.77 1.24
N PHE B 92 24.76 -11.20 1.85
CA PHE B 92 23.59 -10.36 1.93
C PHE B 92 23.90 -9.15 2.76
N HIS B 93 24.76 -9.31 3.77
CA HIS B 93 25.12 -8.20 4.60
C HIS B 93 25.94 -7.20 3.81
N GLN B 94 26.86 -7.72 3.00
CA GLN B 94 27.72 -6.88 2.19
C GLN B 94 26.91 -6.12 1.15
N ARG B 95 25.83 -6.72 0.67
CA ARG B 95 24.93 -6.01 -0.24
C ARG B 95 23.97 -5.10 0.51
N ARG B 96 23.82 -5.32 1.81
CA ARG B 96 23.00 -4.44 2.62
C ARG B 96 23.81 -3.23 3.03
N SER B 97 25.12 -3.34 2.88
CA SER B 97 26.02 -2.30 3.32
C SER B 97 25.87 -1.02 2.52
N GLU B 98 25.38 -1.14 1.29
CA GLU B 98 25.40 -0.02 0.36
C GLU B 98 24.05 0.64 0.07
N ILE B 99 22.98 0.19 0.72
CA ILE B 99 21.70 0.86 0.53
C ILE B 99 21.78 2.29 1.02
N ILE B 100 21.28 3.20 0.19
CA ILE B 100 21.49 4.62 0.37
C ILE B 100 20.84 5.19 1.62
N GLN B 101 19.66 4.68 1.94
CA GLN B 101 18.74 5.28 2.90
C GLN B 101 18.81 6.81 2.90
N ILE B 102 17.96 7.41 2.06
CA ILE B 102 17.96 8.83 1.77
C ILE B 102 17.64 9.70 2.98
N THR B 103 18.34 10.83 3.11
CA THR B 103 18.04 11.80 4.16
C THR B 103 16.67 12.41 3.98
N THR B 104 15.98 12.66 5.08
CA THR B 104 14.65 13.25 5.03
C THR B 104 14.68 14.77 4.96
N GLY B 105 15.87 15.35 5.06
CA GLY B 105 16.00 16.79 5.08
C GLY B 105 15.91 17.40 6.47
N SER B 106 15.97 16.55 7.50
CA SER B 106 16.07 17.03 8.88
C SER B 106 16.79 16.01 9.73
N LYS B 107 17.48 16.47 10.77
CA LYS B 107 18.35 15.58 11.54
C LYS B 107 17.61 14.57 12.41
N GLU B 108 16.61 15.02 13.14
CA GLU B 108 15.95 14.15 14.10
C GLU B 108 15.22 12.99 13.43
N LEU B 109 14.67 13.26 12.24
CA LEU B 109 14.11 12.19 11.44
C LEU B 109 15.20 11.25 10.95
N ASP B 110 16.37 11.80 10.71
CA ASP B 110 17.50 10.98 10.30
C ASP B 110 17.93 10.06 11.43
N LYS B 111 17.71 10.49 12.66
CA LYS B 111 18.02 9.65 13.80
C LYS B 111 16.94 8.61 14.02
N LEU B 112 15.68 9.00 13.86
CA LEU B 112 14.58 8.07 14.03
C LEU B 112 14.69 6.94 13.04
N LEU B 113 14.86 7.32 11.79
CA LEU B 113 14.86 6.38 10.68
C LEU B 113 16.22 5.76 10.51
N GLN B 114 17.16 6.22 11.34
CA GLN B 114 18.53 5.76 11.30
C GLN B 114 19.08 6.03 9.92
N GLY B 115 19.31 7.31 9.62
CA GLY B 115 19.82 7.71 8.33
C GLY B 115 18.77 7.95 7.26
N GLY B 116 17.50 7.78 7.61
CA GLY B 116 16.42 8.04 6.68
C GLY B 116 15.90 6.86 5.89
N ILE B 117 14.92 7.14 5.03
CA ILE B 117 14.20 6.10 4.29
C ILE B 117 15.07 5.29 3.35
N GLU B 118 14.95 3.96 3.42
CA GLU B 118 15.75 3.08 2.58
C GLU B 118 15.25 2.96 1.16
N THR B 119 16.18 2.71 0.25
CA THR B 119 15.85 2.28 -1.10
C THR B 119 15.50 0.80 -1.12
N GLY B 120 14.70 0.39 -2.10
CA GLY B 120 14.35 -1.00 -2.26
C GLY B 120 13.22 -1.48 -1.36
N SER B 121 12.52 -0.50 -0.75
CA SER B 121 11.48 -0.72 0.28
C SER B 121 10.15 0.09 0.12
N ILE B 122 9.13 -0.28 0.92
CA ILE B 122 7.82 0.41 0.97
C ILE B 122 7.67 1.10 2.36
N THR B 123 7.19 2.36 2.38
CA THR B 123 7.03 3.16 3.62
C THR B 123 5.58 3.72 3.81
N GLU B 124 5.24 4.26 4.99
CA GLU B 124 3.86 4.56 5.33
C GLU B 124 3.56 5.78 6.20
N MET B 125 2.63 6.63 5.75
CA MET B 125 2.30 7.82 6.51
C MET B 125 1.00 7.59 7.26
N PHE B 126 1.08 7.68 8.58
CA PHE B 126 -0.11 7.57 9.41
C PHE B 126 -0.41 8.96 9.94
N GLY B 127 -1.61 9.44 9.64
CA GLY B 127 -2.02 10.77 10.05
C GLY B 127 -3.52 10.88 9.98
N GLU B 128 -4.06 11.94 10.56
CA GLU B 128 -5.50 12.19 10.54
C GLU B 128 -5.82 13.31 9.55
N PHE B 129 -4.95 14.32 9.54
CA PHE B 129 -5.10 15.46 8.64
C PHE B 129 -4.30 16.65 9.19
N ARG B 130 -3.59 17.34 8.30
CA ARG B 130 -2.76 18.47 8.72
C ARG B 130 -1.54 17.94 9.48
N THR B 131 -1.08 16.75 9.10
CA THR B 131 0.06 16.13 9.74
C THR B 131 1.31 16.28 8.89
N GLY B 132 1.18 16.94 7.74
CA GLY B 132 2.35 17.27 6.94
C GLY B 132 2.95 16.07 6.23
N LYS B 133 2.16 15.04 6.00
CA LYS B 133 2.63 13.87 5.29
C LYS B 133 2.96 14.17 3.81
N THR B 134 2.05 14.86 3.13
CA THR B 134 2.33 15.25 1.75
C THR B 134 3.47 16.26 1.71
N GLN B 135 3.62 16.99 2.80
CA GLN B 135 4.69 17.96 2.95
C GLN B 135 6.03 17.23 2.86
N ILE B 136 6.13 16.18 3.66
CA ILE B 136 7.31 15.35 3.69
C ILE B 136 7.52 14.72 2.32
N CYS B 137 6.43 14.41 1.65
CA CYS B 137 6.57 13.86 0.31
C CYS B 137 7.21 14.88 -0.63
N HIS B 138 6.89 16.15 -0.47
CA HIS B 138 7.55 17.17 -1.27
C HIS B 138 9.03 17.24 -0.98
N THR B 139 9.37 17.34 0.30
CA THR B 139 10.77 17.55 0.65
C THR B 139 11.61 16.35 0.21
N LEU B 140 11.06 15.15 0.31
CA LEU B 140 11.76 13.99 -0.19
C LEU B 140 11.92 14.08 -1.69
N ALA B 141 10.87 14.58 -2.34
CA ALA B 141 10.84 14.62 -3.79
C ALA B 141 11.94 15.51 -4.32
N VAL B 142 12.27 16.56 -3.59
CA VAL B 142 13.40 17.40 -3.99
C VAL B 142 14.74 16.80 -3.54
N THR B 143 14.78 16.29 -2.31
CA THR B 143 16.04 15.89 -1.72
C THR B 143 16.61 14.60 -2.26
N CYS B 144 15.85 13.88 -3.07
CA CYS B 144 16.47 12.76 -3.77
C CYS B 144 17.52 13.24 -4.77
N GLN B 145 17.40 14.49 -5.21
CA GLN B 145 18.28 15.00 -6.25
C GLN B 145 19.62 15.50 -5.73
N LEU B 146 19.81 15.52 -4.42
CA LEU B 146 21.10 15.92 -3.87
C LEU B 146 22.16 14.89 -4.22
N PRO B 147 23.44 15.33 -4.25
CA PRO B 147 24.54 14.38 -4.44
C PRO B 147 24.60 13.38 -3.30
N ILE B 148 25.03 12.17 -3.61
CA ILE B 148 24.91 11.02 -2.72
C ILE B 148 25.58 11.26 -1.37
N ASP B 149 26.59 12.10 -1.36
CA ASP B 149 27.28 12.44 -0.12
C ASP B 149 26.30 13.09 0.85
N ARG B 150 25.32 13.77 0.28
CA ARG B 150 24.24 14.35 1.07
C ARG B 150 23.08 13.37 1.23
N GLY B 151 23.21 12.19 0.63
CA GLY B 151 22.22 11.15 0.78
C GLY B 151 21.23 11.02 -0.36
N GLY B 152 21.19 12.02 -1.24
CA GLY B 152 20.33 11.94 -2.41
C GLY B 152 20.77 10.82 -3.33
N GLY B 153 19.81 10.14 -3.95
CA GLY B 153 20.13 9.00 -4.77
C GLY B 153 20.57 9.42 -6.16
N GLU B 154 20.50 10.71 -6.43
CA GLU B 154 20.83 11.23 -7.75
C GLU B 154 19.84 10.67 -8.77
N GLY B 155 18.66 10.29 -8.28
CA GLY B 155 17.65 9.68 -9.14
C GLY B 155 16.42 10.53 -9.36
N LYS B 156 16.08 10.72 -10.64
CA LYS B 156 14.90 11.43 -11.04
C LYS B 156 13.73 10.89 -10.23
N ALA B 157 12.78 11.76 -9.89
CA ALA B 157 11.68 11.37 -9.03
C ALA B 157 10.32 11.49 -9.73
N MET B 158 9.52 10.44 -9.61
CA MET B 158 8.18 10.47 -10.16
C MET B 158 7.17 10.49 -9.01
N TYR B 159 6.21 11.29 -9.15
CA TYR B 159 5.28 11.59 -8.09
C TYR B 159 3.84 11.35 -8.51
N ILE B 160 3.28 10.23 -8.10
CA ILE B 160 1.93 9.88 -8.50
C ILE B 160 0.91 10.46 -7.52
N ASP B 161 0.50 11.70 -7.79
CA ASP B 161 -0.53 12.32 -6.96
C ASP B 161 -1.89 11.74 -7.31
N THR B 162 -2.77 11.68 -6.32
CA THR B 162 -4.11 11.16 -6.53
C THR B 162 -5.16 12.03 -5.84
N GLU B 163 -4.76 13.24 -5.47
CA GLU B 163 -5.73 14.21 -5.00
C GLU B 163 -5.49 15.58 -5.62
N GLY B 164 -4.44 15.68 -6.44
CA GLY B 164 -4.18 16.89 -7.19
C GLY B 164 -3.57 17.98 -6.32
N THR B 165 -3.17 17.58 -5.12
CA THR B 165 -2.74 18.54 -4.10
C THR B 165 -1.28 18.93 -4.25
N PHE B 166 -0.61 18.34 -5.24
CA PHE B 166 0.81 18.61 -5.48
C PHE B 166 1.08 20.08 -5.77
N ARG B 167 2.10 20.63 -5.12
CA ARG B 167 2.42 22.05 -5.26
C ARG B 167 3.85 22.31 -5.69
N PRO B 168 4.05 22.72 -6.95
CA PRO B 168 5.38 23.07 -7.45
C PRO B 168 6.02 24.17 -6.64
N GLU B 169 5.19 25.06 -6.11
CA GLU B 169 5.68 26.21 -5.36
C GLU B 169 6.51 25.76 -4.17
N ARG B 170 6.04 24.71 -3.52
CA ARG B 170 6.78 24.19 -2.38
C ARG B 170 8.10 23.59 -2.83
N LEU B 171 8.11 23.02 -4.03
CA LEU B 171 9.36 22.47 -4.55
C LEU B 171 10.35 23.58 -4.80
N LEU B 172 9.85 24.73 -5.23
CA LEU B 172 10.73 25.88 -5.37
C LEU B 172 11.22 26.36 -4.01
N ALA B 173 10.38 26.21 -2.99
CA ALA B 173 10.79 26.63 -1.65
C ALA B 173 11.92 25.75 -1.12
N VAL B 174 11.77 24.45 -1.28
CA VAL B 174 12.82 23.53 -0.87
C VAL B 174 14.06 23.77 -1.73
N ALA B 175 13.83 24.19 -2.97
CA ALA B 175 14.94 24.50 -3.85
C ALA B 175 15.73 25.68 -3.29
N GLU B 176 15.03 26.62 -2.69
CA GLU B 176 15.71 27.70 -1.98
C GLU B 176 16.46 27.11 -0.80
N ARG B 177 15.84 26.11 -0.17
CA ARG B 177 16.38 25.51 1.04
C ARG B 177 17.71 24.79 0.83
N TYR B 178 17.92 24.24 -0.37
CA TYR B 178 19.12 23.46 -0.59
C TYR B 178 20.02 23.99 -1.70
N GLY B 179 19.69 25.17 -2.18
CA GLY B 179 20.64 25.95 -2.97
C GLY B 179 20.72 25.53 -4.42
N LEU B 180 20.09 24.41 -4.75
CA LEU B 180 19.99 24.02 -6.15
C LEU B 180 18.95 24.87 -6.85
N SER B 181 19.17 25.15 -8.13
CA SER B 181 18.22 25.91 -8.91
C SER B 181 16.91 25.15 -8.99
N GLY B 182 15.81 25.87 -8.89
CA GLY B 182 14.50 25.25 -8.88
C GLY B 182 14.15 24.66 -10.23
N SER B 183 14.62 25.29 -11.29
CA SER B 183 14.32 24.82 -12.63
C SER B 183 14.90 23.43 -12.86
N ASP B 184 16.10 23.19 -12.35
CA ASP B 184 16.72 21.87 -12.46
C ASP B 184 15.94 20.81 -11.71
N VAL B 185 15.38 21.22 -10.58
CA VAL B 185 14.60 20.31 -9.76
C VAL B 185 13.30 19.95 -10.46
N LEU B 186 12.69 20.95 -11.07
CA LEU B 186 11.42 20.75 -11.73
C LEU B 186 11.62 20.07 -13.07
N ASP B 187 12.85 20.05 -13.56
CA ASP B 187 13.13 19.37 -14.81
C ASP B 187 12.86 17.89 -14.66
N ASN B 188 13.08 17.37 -13.46
CA ASN B 188 12.66 16.02 -13.14
C ASN B 188 11.27 16.09 -12.56
N VAL B 189 11.03 15.34 -11.50
CA VAL B 189 9.74 15.33 -10.81
C VAL B 189 8.63 15.08 -11.83
N ALA B 190 8.50 13.82 -12.23
CA ALA B 190 7.53 13.44 -13.22
C ALA B 190 6.15 13.26 -12.60
N TYR B 191 5.49 14.38 -12.38
CA TYR B 191 4.14 14.40 -11.82
C TYR B 191 3.14 13.67 -12.69
N ALA B 192 2.25 12.92 -12.05
CA ALA B 192 1.17 12.23 -12.74
C ALA B 192 -0.07 12.20 -11.88
N ARG B 193 -1.22 12.30 -12.54
CA ARG B 193 -2.47 12.60 -11.87
C ARG B 193 -3.51 11.51 -12.10
N ALA B 194 -3.60 10.59 -11.14
CA ALA B 194 -4.52 9.46 -11.20
C ALA B 194 -5.95 9.87 -10.83
N PHE B 195 -6.93 9.13 -11.33
CA PHE B 195 -8.32 9.33 -10.93
C PHE B 195 -9.01 8.01 -10.61
N ASN B 196 -9.13 7.15 -11.60
CA ASN B 196 -9.72 5.83 -11.41
C ASN B 196 -8.80 4.94 -10.60
N THR B 197 -9.35 3.99 -9.87
CA THR B 197 -8.52 3.03 -9.18
C THR B 197 -7.71 2.21 -10.17
N ASP B 198 -8.33 1.92 -11.31
CA ASP B 198 -7.67 1.16 -12.36
C ASP B 198 -6.56 1.96 -13.00
N HIS B 199 -6.70 3.28 -12.97
CA HIS B 199 -5.77 4.16 -13.62
C HIS B 199 -4.38 4.03 -13.00
N GLN B 200 -4.34 3.78 -11.71
CA GLN B 200 -3.08 3.68 -10.99
C GLN B 200 -2.26 2.55 -11.55
N THR B 201 -2.93 1.51 -12.02
CA THR B 201 -2.26 0.37 -12.61
C THR B 201 -1.55 0.76 -13.88
N GLN B 202 -2.25 1.46 -14.76
CA GLN B 202 -1.64 1.89 -16.01
C GLN B 202 -0.48 2.81 -15.72
N LEU B 203 -0.62 3.62 -14.67
CA LEU B 203 0.47 4.49 -14.29
C LEU B 203 1.65 3.68 -13.78
N LEU B 204 1.39 2.53 -13.19
CA LEU B 204 2.49 1.67 -12.77
C LEU B 204 3.20 1.07 -13.95
N TYR B 205 2.46 0.54 -14.93
CA TYR B 205 3.12 -0.03 -16.08
C TYR B 205 3.91 1.01 -16.86
N GLN B 206 3.37 2.22 -16.95
CA GLN B 206 4.12 3.28 -17.60
C GLN B 206 5.34 3.65 -16.78
N ALA B 207 5.25 3.51 -15.46
CA ALA B 207 6.38 3.79 -14.60
C ALA B 207 7.50 2.82 -14.90
N SER B 208 7.13 1.54 -14.97
CA SER B 208 8.10 0.50 -15.27
C SER B 208 8.70 0.72 -16.63
N ALA B 209 7.90 1.26 -17.54
CA ALA B 209 8.40 1.61 -18.86
C ALA B 209 9.43 2.73 -18.78
N MET B 210 9.23 3.65 -17.83
CA MET B 210 10.16 4.77 -17.68
C MET B 210 11.41 4.41 -16.90
N MET B 211 11.36 3.30 -16.18
CA MET B 211 12.48 2.90 -15.34
C MET B 211 13.71 2.54 -16.16
N VAL B 212 13.48 2.10 -17.38
CA VAL B 212 14.55 1.59 -18.23
C VAL B 212 15.57 2.65 -18.61
N GLU B 213 15.10 3.89 -18.75
CA GLU B 213 15.88 4.91 -19.44
C GLU B 213 16.88 5.64 -18.55
N SER B 214 16.47 5.95 -17.33
CA SER B 214 17.32 6.67 -16.40
C SER B 214 17.00 6.31 -14.95
N ARG B 215 18.02 5.91 -14.20
CA ARG B 215 17.84 5.50 -12.81
C ARG B 215 17.10 6.56 -12.00
N TYR B 216 15.85 6.25 -11.66
CA TYR B 216 15.05 7.14 -10.83
C TYR B 216 15.34 6.86 -9.36
N ALA B 217 15.04 7.82 -8.49
CA ALA B 217 15.28 7.63 -7.07
C ALA B 217 14.06 7.04 -6.40
N LEU B 218 12.95 7.75 -6.54
CA LEU B 218 11.82 7.54 -5.65
C LEU B 218 10.48 7.58 -6.35
N LEU B 219 9.65 6.58 -6.07
CA LEU B 219 8.22 6.69 -6.27
C LEU B 219 7.54 7.20 -5.03
N ILE B 220 6.66 8.16 -5.21
CA ILE B 220 5.84 8.63 -4.13
C ILE B 220 4.41 8.43 -4.50
N VAL B 221 3.59 8.05 -3.52
CA VAL B 221 2.17 8.07 -3.68
C VAL B 221 1.56 8.66 -2.42
N ASP B 222 0.94 9.82 -2.58
CA ASP B 222 0.19 10.46 -1.51
C ASP B 222 -0.96 9.58 -1.00
N SER B 223 -1.90 9.22 -1.87
CA SER B 223 -3.07 8.51 -1.40
C SER B 223 -3.36 7.33 -2.30
N ALA B 224 -2.60 6.26 -2.14
CA ALA B 224 -2.84 5.04 -2.88
C ALA B 224 -4.20 4.51 -2.49
N THR B 225 -4.58 4.79 -1.26
CA THR B 225 -5.75 4.18 -0.66
C THR B 225 -7.04 4.96 -0.84
N ALA B 226 -6.92 6.26 -1.07
CA ALA B 226 -8.09 7.15 -1.03
C ALA B 226 -9.14 6.83 -2.08
N LEU B 227 -8.70 6.38 -3.25
CA LEU B 227 -9.64 6.06 -4.31
C LEU B 227 -10.48 4.86 -3.92
N TYR B 228 -9.87 3.97 -3.17
CA TYR B 228 -10.49 2.72 -2.78
C TYR B 228 -11.65 2.90 -1.81
N ARG B 229 -11.63 3.97 -1.04
CA ARG B 229 -12.79 4.27 -0.22
C ARG B 229 -13.97 4.61 -1.11
N THR B 230 -13.81 5.69 -1.87
CA THR B 230 -14.91 6.24 -2.62
C THR B 230 -15.45 5.31 -3.68
N ASP B 231 -14.61 4.46 -4.24
CA ASP B 231 -15.08 3.59 -5.32
C ASP B 231 -15.71 2.29 -4.81
N TYR B 232 -15.10 1.68 -3.80
CA TYR B 232 -15.60 0.42 -3.29
C TYR B 232 -16.34 0.58 -1.97
N SER B 233 -17.61 0.91 -2.04
CA SER B 233 -18.39 1.11 -0.84
C SER B 233 -18.85 -0.21 -0.25
N GLY B 234 -17.90 -0.98 0.29
CA GLY B 234 -18.19 -2.31 0.77
C GLY B 234 -18.53 -2.37 2.25
N ARG B 235 -18.80 -3.58 2.78
CA ARG B 235 -18.77 -4.82 2.00
C ARG B 235 -20.15 -5.13 1.40
N GLY B 236 -20.20 -5.25 0.09
CA GLY B 236 -19.03 -5.11 -0.77
C GLY B 236 -19.19 -5.93 -2.03
N GLU B 237 -18.22 -5.84 -2.92
CA GLU B 237 -17.03 -5.01 -2.74
C GLU B 237 -16.08 -5.51 -1.64
N LEU B 238 -15.26 -4.60 -1.13
CA LEU B 238 -14.34 -4.92 -0.05
C LEU B 238 -13.46 -6.10 -0.43
N SER B 239 -14.07 -7.27 -0.57
CA SER B 239 -13.35 -8.46 -0.98
C SER B 239 -12.74 -8.25 -2.34
N ALA B 240 -13.37 -7.39 -3.14
CA ALA B 240 -12.77 -6.97 -4.39
C ALA B 240 -11.72 -5.91 -4.15
N ARG B 241 -11.96 -5.06 -3.16
CA ARG B 241 -11.06 -3.95 -2.89
C ARG B 241 -9.71 -4.46 -2.44
N GLN B 242 -9.74 -5.39 -1.49
CA GLN B 242 -8.51 -6.01 -1.00
C GLN B 242 -7.85 -6.78 -2.13
N MET B 243 -8.70 -7.36 -2.98
CA MET B 243 -8.25 -8.13 -4.12
C MET B 243 -7.44 -7.28 -5.07
N HIS B 244 -7.79 -6.00 -5.14
CA HIS B 244 -7.09 -5.11 -6.04
C HIS B 244 -5.83 -4.57 -5.37
N LEU B 245 -5.97 -4.21 -4.10
CA LEU B 245 -4.83 -3.66 -3.39
C LEU B 245 -3.67 -4.63 -3.31
N ALA B 246 -3.98 -5.92 -3.19
CA ALA B 246 -2.92 -6.89 -3.05
C ALA B 246 -2.05 -6.90 -4.29
N ARG B 247 -2.68 -6.80 -5.44
CA ARG B 247 -1.95 -6.76 -6.70
C ARG B 247 -1.17 -5.46 -6.81
N PHE B 248 -1.79 -4.37 -6.37
CA PHE B 248 -1.13 -3.08 -6.48
C PHE B 248 0.17 -3.09 -5.69
N LEU B 249 0.07 -3.53 -4.44
CA LEU B 249 1.22 -3.57 -3.56
C LEU B 249 2.25 -4.56 -4.07
N ARG B 250 1.80 -5.65 -4.67
CA ARG B 250 2.76 -6.59 -5.22
C ARG B 250 3.53 -5.95 -6.34
N MET B 251 2.86 -5.13 -7.14
CA MET B 251 3.54 -4.46 -8.23
C MET B 251 4.55 -3.46 -7.69
N LEU B 252 4.19 -2.82 -6.59
CA LEU B 252 5.14 -1.89 -5.98
C LEU B 252 6.36 -2.66 -5.51
N LEU B 253 6.16 -3.87 -5.04
CA LEU B 253 7.31 -4.71 -4.73
C LEU B 253 8.08 -5.09 -5.98
N ARG B 254 7.38 -5.24 -7.10
CA ARG B 254 8.06 -5.63 -8.33
C ARG B 254 8.99 -4.53 -8.75
N LEU B 255 8.61 -3.29 -8.50
CA LEU B 255 9.48 -2.18 -8.87
C LEU B 255 10.61 -2.05 -7.86
N ALA B 256 10.24 -2.04 -6.59
CA ALA B 256 11.20 -1.76 -5.53
C ALA B 256 12.27 -2.83 -5.38
N ASP B 257 11.93 -4.06 -5.70
CA ASP B 257 12.88 -5.17 -5.55
C ASP B 257 13.89 -5.14 -6.66
N GLU B 258 13.61 -4.36 -7.69
CA GLU B 258 14.47 -4.26 -8.84
C GLU B 258 15.35 -3.03 -8.80
N PHE B 259 14.71 -1.87 -8.74
CA PHE B 259 15.39 -0.63 -9.08
C PHE B 259 15.64 0.28 -7.89
N GLY B 260 15.57 -0.28 -6.69
CA GLY B 260 15.68 0.54 -5.49
C GLY B 260 14.86 1.80 -5.66
N VAL B 261 15.49 2.96 -5.48
CA VAL B 261 14.84 4.25 -5.59
C VAL B 261 14.11 4.61 -4.31
N ALA B 262 12.93 4.03 -4.12
CA ALA B 262 12.20 4.15 -2.88
C ALA B 262 10.70 4.18 -3.11
N VAL B 263 9.94 3.53 -2.23
CA VAL B 263 8.49 3.57 -2.32
C VAL B 263 7.91 4.24 -1.09
N VAL B 264 7.08 5.25 -1.32
CA VAL B 264 6.43 5.96 -0.22
C VAL B 264 4.92 5.87 -0.34
N ILE B 265 4.26 5.46 0.74
CA ILE B 265 2.81 5.35 0.75
C ILE B 265 2.21 6.23 1.83
N THR B 266 1.20 7.01 1.44
CA THR B 266 0.49 7.86 2.39
C THR B 266 -0.91 7.33 2.57
N ASN B 267 -1.30 7.09 3.81
CA ASN B 267 -2.60 6.52 4.10
C ASN B 267 -3.51 7.43 4.90
N GLN B 268 -4.74 7.60 4.42
CA GLN B 268 -5.76 8.27 5.21
C GLN B 268 -6.03 7.40 6.42
N VAL B 269 -6.70 7.93 7.43
CA VAL B 269 -6.92 7.16 8.65
C VAL B 269 -8.37 6.69 8.81
N VAL B 270 -8.54 5.60 9.54
CA VAL B 270 -9.87 5.06 9.82
C VAL B 270 -10.08 4.97 11.33
N ALA B 271 -10.88 5.89 11.86
CA ALA B 271 -11.12 5.96 13.27
C ALA B 271 -12.14 4.85 13.73
N GLN B 272 -11.74 4.01 14.73
CA GLN B 272 -12.58 2.97 15.32
C GLN B 272 -13.76 3.53 16.08
N VAL B 273 -14.78 2.72 16.21
CA VAL B 273 -15.88 3.02 17.12
C VAL B 273 -16.04 1.81 18.03
N ASP B 274 -16.41 2.04 19.28
CA ASP B 274 -16.53 0.99 20.28
C ASP B 274 -15.23 0.26 20.49
N GLY B 275 -14.15 1.02 20.58
CA GLY B 275 -12.85 0.47 20.91
C GLY B 275 -12.55 0.64 22.39
N ALA B 276 -11.27 0.67 22.73
CA ALA B 276 -10.87 0.92 24.11
C ALA B 276 -9.72 1.92 24.18
N ALA B 277 -9.76 2.79 25.17
CA ALA B 277 -8.74 3.82 25.39
C ALA B 277 -8.48 4.66 24.14
N ASP B 282 -5.17 6.55 19.62
CA ASP B 282 -5.68 5.19 19.67
C ASP B 282 -6.94 4.99 18.82
N PRO B 283 -7.86 5.98 18.79
CA PRO B 283 -8.96 5.79 17.83
C PRO B 283 -8.51 5.97 16.39
N LYS B 284 -7.65 5.09 15.89
CA LYS B 284 -7.04 5.28 14.58
C LYS B 284 -6.99 4.02 13.72
N LYS B 285 -5.77 3.56 13.45
CA LYS B 285 -5.48 2.50 12.48
C LYS B 285 -5.81 2.91 11.06
N PRO B 286 -4.84 2.75 10.15
CA PRO B 286 -4.94 2.99 8.72
C PRO B 286 -5.95 2.09 8.05
N ILE B 287 -6.63 2.58 7.02
CA ILE B 287 -7.53 1.73 6.27
C ILE B 287 -6.74 0.81 5.37
N GLY B 288 -7.43 -0.14 4.76
CA GLY B 288 -6.79 -1.11 3.89
C GLY B 288 -6.62 -2.44 4.58
N GLY B 289 -6.89 -2.46 5.88
CA GLY B 289 -6.92 -3.71 6.60
C GLY B 289 -5.56 -4.35 6.68
N ASN B 290 -5.55 -5.66 6.83
CA ASN B 290 -4.33 -6.39 7.03
C ASN B 290 -3.36 -6.32 5.85
N ILE B 291 -3.91 -6.36 4.65
CA ILE B 291 -3.10 -6.58 3.46
C ILE B 291 -2.08 -5.46 3.24
N ILE B 292 -2.44 -4.23 3.58
CA ILE B 292 -1.46 -3.17 3.53
C ILE B 292 -0.41 -3.42 4.60
N ALA B 293 -0.89 -3.77 5.78
CA ALA B 293 -0.03 -3.79 6.96
C ALA B 293 1.08 -4.81 6.82
N HIS B 294 0.75 -5.98 6.29
CA HIS B 294 1.75 -7.02 6.19
C HIS B 294 2.79 -6.70 5.14
N ALA B 295 2.41 -5.86 4.18
CA ALA B 295 3.25 -5.61 3.03
C ALA B 295 4.42 -4.69 3.32
N SER B 296 4.15 -3.59 4.02
CA SER B 296 5.15 -2.55 4.21
C SER B 296 6.35 -3.02 5.01
N THR B 297 7.55 -2.67 4.55
CA THR B 297 8.75 -2.94 5.31
C THR B 297 8.79 -2.07 6.56
N THR B 298 8.20 -0.88 6.47
CA THR B 298 8.26 0.07 7.56
C THR B 298 6.88 0.65 7.83
N ARG B 299 6.79 1.55 8.81
CA ARG B 299 5.55 2.26 9.04
C ARG B 299 5.83 3.51 9.86
N LEU B 300 5.07 4.57 9.62
CA LEU B 300 5.21 5.79 10.41
C LEU B 300 3.85 6.35 10.84
N TYR B 301 3.87 7.20 11.86
CA TYR B 301 2.66 7.75 12.42
C TYR B 301 2.93 9.18 12.83
N LEU B 302 1.98 10.07 12.57
CA LEU B 302 2.27 11.50 12.69
C LEU B 302 1.20 12.26 13.44
N ARG B 303 1.46 12.59 14.71
CA ARG B 303 0.52 13.38 15.49
C ARG B 303 0.89 14.85 15.44
N LYS B 304 -0.09 15.74 15.26
CA LYS B 304 0.24 17.15 15.27
C LYS B 304 0.66 17.57 16.68
N GLY B 305 1.67 18.43 16.77
CA GLY B 305 2.02 19.06 18.03
C GLY B 305 1.39 20.43 18.09
N ARG B 306 1.85 21.26 19.02
CA ARG B 306 1.42 22.65 19.04
C ARG B 306 2.12 23.42 17.93
N GLY B 307 1.44 24.42 17.37
CA GLY B 307 2.02 25.22 16.31
C GLY B 307 2.36 24.39 15.09
N GLU B 308 3.49 24.70 14.46
CA GLU B 308 3.95 23.92 13.31
C GLU B 308 4.42 22.53 13.70
N THR B 309 4.84 22.37 14.95
CA THR B 309 5.53 21.17 15.39
C THR B 309 4.71 19.90 15.25
N ARG B 310 5.37 18.82 14.83
CA ARG B 310 4.70 17.55 14.60
C ARG B 310 5.51 16.43 15.21
N ILE B 311 4.87 15.29 15.41
CA ILE B 311 5.49 14.15 16.06
C ILE B 311 5.46 12.90 15.19
N CYS B 312 6.64 12.48 14.73
CA CYS B 312 6.76 11.17 14.11
C CYS B 312 6.89 10.06 15.14
N GLN B 313 6.41 8.87 14.78
CA GLN B 313 6.47 7.70 15.64
C GLN B 313 6.41 6.43 14.78
N ILE B 314 7.35 5.53 15.00
CA ILE B 314 7.49 4.34 14.17
C ILE B 314 6.46 3.25 14.45
N TYR B 315 6.02 2.57 13.40
CA TYR B 315 5.46 1.22 13.53
C TYR B 315 6.21 0.26 12.62
N ASP B 316 6.19 -1.01 12.99
CA ASP B 316 6.45 -2.12 12.08
C ASP B 316 7.72 -1.95 11.23
N SER B 317 8.81 -1.55 11.86
CA SER B 317 10.09 -1.59 11.17
C SER B 317 10.99 -2.58 11.86
N PRO B 318 11.28 -3.70 11.18
CA PRO B 318 12.15 -4.75 11.74
C PRO B 318 13.52 -4.20 12.08
N CYS B 319 13.97 -3.23 11.30
CA CYS B 319 15.27 -2.62 11.48
C CYS B 319 15.39 -1.86 12.80
N LEU B 320 14.28 -1.30 13.27
CA LEU B 320 14.38 -0.28 14.30
C LEU B 320 13.48 -0.48 15.50
N PRO B 321 13.98 -0.12 16.70
CA PRO B 321 13.18 0.01 17.92
C PRO B 321 12.23 1.18 17.78
N GLU B 322 11.09 1.14 18.44
CA GLU B 322 10.14 2.26 18.36
C GLU B 322 10.75 3.52 18.92
N ALA B 323 10.46 4.65 18.27
CA ALA B 323 10.98 5.94 18.68
C ALA B 323 10.04 7.04 18.22
N GLU B 324 10.27 8.26 18.69
CA GLU B 324 9.39 9.37 18.35
C GLU B 324 10.11 10.70 18.38
N ALA B 325 9.71 11.64 17.53
CA ALA B 325 10.41 12.92 17.53
C ALA B 325 9.65 14.09 16.90
N MET B 326 10.02 15.29 17.36
CA MET B 326 9.44 16.54 16.89
C MET B 326 10.03 16.94 15.55
N PHE B 327 9.28 17.70 14.76
CA PHE B 327 9.85 18.55 13.73
C PHE B 327 8.87 19.64 13.31
N ALA B 328 9.37 20.84 13.11
CA ALA B 328 8.55 21.95 12.66
C ALA B 328 8.33 21.88 11.16
N ILE B 329 7.21 22.44 10.71
CA ILE B 329 6.96 22.58 9.28
C ILE B 329 7.09 24.05 8.89
N ASN B 330 8.31 24.47 8.59
CA ASN B 330 8.58 25.87 8.29
C ASN B 330 8.05 26.26 6.93
N ALA B 331 8.47 27.44 6.46
CA ALA B 331 8.25 27.80 5.08
C ALA B 331 9.05 26.83 4.21
N ASP B 332 10.15 26.34 4.78
CA ASP B 332 10.95 25.31 4.15
C ASP B 332 10.46 23.94 4.57
N GLY B 333 9.36 23.91 5.31
CA GLY B 333 8.74 22.68 5.74
C GLY B 333 9.52 21.96 6.83
N VAL B 334 9.85 20.71 6.57
CA VAL B 334 10.51 19.86 7.55
C VAL B 334 11.84 20.44 8.02
N GLY B 335 12.08 20.42 9.32
CA GLY B 335 13.30 20.97 9.89
C GLY B 335 13.39 20.70 11.37
N ASP B 336 13.43 21.77 12.17
CA ASP B 336 13.38 21.66 13.62
C ASP B 336 12.27 22.53 14.21
N PRO C 22 -14.16 20.55 -20.87
CA PRO C 22 -15.05 21.25 -21.80
C PRO C 22 -15.21 20.50 -23.11
N GLN C 23 -15.23 19.18 -23.05
CA GLN C 23 -15.33 18.36 -24.25
C GLN C 23 -16.55 17.46 -24.26
N PRO C 24 -17.60 17.85 -24.98
CA PRO C 24 -18.88 17.14 -25.07
C PRO C 24 -18.74 15.75 -25.68
N ILE C 25 -19.60 14.82 -25.26
CA ILE C 25 -19.53 13.41 -25.65
C ILE C 25 -19.69 13.24 -27.17
N SER C 26 -20.26 14.24 -27.82
CA SER C 26 -20.46 14.18 -29.26
C SER C 26 -19.14 13.96 -30.00
N ARG C 27 -18.04 14.43 -29.42
CA ARG C 27 -16.73 14.15 -30.00
C ARG C 27 -16.45 12.65 -29.95
N LEU C 28 -17.03 11.97 -28.98
CA LEU C 28 -16.91 10.53 -28.88
C LEU C 28 -17.91 9.82 -29.78
N GLU C 29 -18.81 10.61 -30.39
CA GLU C 29 -19.67 10.06 -31.42
C GLU C 29 -18.81 9.90 -32.66
N GLN C 30 -17.87 8.98 -32.56
CA GLN C 30 -16.77 8.83 -33.49
C GLN C 30 -16.16 7.45 -33.26
N CYS C 31 -15.42 6.95 -34.25
CA CYS C 31 -14.71 5.68 -34.17
C CYS C 31 -15.69 4.54 -33.89
N GLY C 32 -16.84 4.59 -34.53
CA GLY C 32 -17.74 3.45 -34.57
C GLY C 32 -18.70 3.31 -33.40
N ILE C 33 -18.61 4.22 -32.43
CA ILE C 33 -19.56 4.19 -31.33
C ILE C 33 -20.94 4.57 -31.86
N ASN C 34 -21.98 3.83 -31.47
CA ASN C 34 -23.33 4.18 -31.87
C ASN C 34 -23.83 5.44 -31.18
N ALA C 35 -24.52 6.28 -31.94
CA ALA C 35 -25.03 7.53 -31.38
C ALA C 35 -26.08 7.27 -30.31
N ASN C 36 -26.85 6.19 -30.45
CA ASN C 36 -27.78 5.80 -29.38
C ASN C 36 -27.08 5.14 -28.21
N ASP C 37 -25.91 4.53 -28.45
CA ASP C 37 -25.08 4.08 -27.34
C ASP C 37 -24.57 5.29 -26.59
N VAL C 38 -24.23 6.32 -27.36
CA VAL C 38 -23.78 7.58 -26.79
C VAL C 38 -24.89 8.20 -25.97
N LYS C 39 -26.12 8.07 -26.45
CA LYS C 39 -27.26 8.64 -25.75
C LYS C 39 -27.74 7.73 -24.63
N LYS C 40 -27.19 6.51 -24.58
CA LYS C 40 -27.31 5.71 -23.38
C LYS C 40 -26.36 6.29 -22.37
N LEU C 41 -25.16 6.64 -22.84
CA LEU C 41 -24.12 7.15 -21.95
C LEU C 41 -24.51 8.49 -21.35
N GLU C 42 -25.29 9.26 -22.09
CA GLU C 42 -25.68 10.60 -21.68
C GLU C 42 -26.48 10.56 -20.39
N GLU C 43 -27.19 9.46 -20.20
CA GLU C 43 -28.14 9.31 -19.11
C GLU C 43 -27.45 9.00 -17.80
N ALA C 44 -26.17 8.69 -17.87
CA ALA C 44 -25.39 8.35 -16.69
C ALA C 44 -25.02 9.60 -15.92
N GLY C 45 -25.31 10.75 -16.52
CA GLY C 45 -24.90 12.02 -15.98
C GLY C 45 -23.58 12.44 -16.58
N PHE C 46 -22.96 11.53 -17.33
CA PHE C 46 -21.79 11.87 -18.12
C PHE C 46 -22.24 12.79 -19.23
N HIS C 47 -21.47 13.84 -19.50
CA HIS C 47 -21.82 14.76 -20.57
C HIS C 47 -20.57 15.31 -21.24
N THR C 48 -19.42 14.92 -20.73
CA THR C 48 -18.16 15.39 -21.29
C THR C 48 -17.17 14.25 -21.41
N VAL C 49 -16.29 14.35 -22.40
CA VAL C 49 -15.34 13.29 -22.68
C VAL C 49 -14.42 13.07 -21.48
N GLU C 50 -14.07 14.15 -20.80
CA GLU C 50 -13.17 14.04 -19.68
C GLU C 50 -13.82 13.28 -18.54
N ALA C 51 -15.14 13.43 -18.41
CA ALA C 51 -15.87 12.72 -17.37
C ALA C 51 -15.81 11.23 -17.62
N VAL C 52 -15.86 10.87 -18.89
CA VAL C 52 -15.70 9.48 -19.28
C VAL C 52 -14.28 9.02 -18.97
N ALA C 53 -13.33 9.93 -19.17
CA ALA C 53 -11.93 9.63 -18.94
C ALA C 53 -11.66 9.35 -17.47
N TYR C 54 -12.44 9.99 -16.61
CA TYR C 54 -12.21 9.89 -15.18
C TYR C 54 -13.19 8.91 -14.57
N ALA C 55 -13.96 8.25 -15.43
CA ALA C 55 -14.91 7.24 -14.97
C ALA C 55 -14.22 5.92 -14.72
N PRO C 56 -14.40 5.36 -13.52
CA PRO C 56 -13.92 4.01 -13.20
C PRO C 56 -14.61 2.98 -14.07
N LYS C 57 -13.89 1.92 -14.40
CA LYS C 57 -14.37 0.88 -15.29
C LYS C 57 -15.68 0.23 -14.82
N LYS C 58 -15.81 0.03 -13.51
CA LYS C 58 -16.95 -0.70 -13.00
C LYS C 58 -18.25 0.09 -13.10
N GLU C 59 -18.18 1.41 -12.87
CA GLU C 59 -19.38 2.22 -12.95
C GLU C 59 -19.91 2.20 -14.36
N LEU C 60 -18.98 2.20 -15.32
CA LEU C 60 -19.33 2.20 -16.71
C LEU C 60 -19.89 0.85 -17.12
N ILE C 61 -19.39 -0.21 -16.50
CA ILE C 61 -19.91 -1.55 -16.81
C ILE C 61 -21.31 -1.76 -16.27
N ASN C 62 -21.53 -1.33 -15.03
CA ASN C 62 -22.71 -1.73 -14.27
C ASN C 62 -24.00 -1.26 -14.93
N ILE C 63 -23.94 -0.12 -15.62
CA ILE C 63 -25.09 0.39 -16.35
C ILE C 63 -25.42 -0.54 -17.50
N LYS C 64 -26.72 -0.79 -17.69
CA LYS C 64 -27.18 -1.88 -18.55
C LYS C 64 -27.05 -1.56 -20.04
N GLY C 65 -26.90 -2.62 -20.83
CA GLY C 65 -26.73 -2.47 -22.26
C GLY C 65 -25.29 -2.19 -22.68
N ILE C 66 -24.33 -2.60 -21.86
CA ILE C 66 -22.92 -2.35 -22.18
C ILE C 66 -22.02 -3.56 -21.95
N SER C 67 -21.49 -4.12 -23.04
CA SER C 67 -20.43 -5.13 -22.95
C SER C 67 -19.14 -4.44 -22.60
N GLU C 68 -18.24 -5.15 -21.92
CA GLU C 68 -16.99 -4.55 -21.48
C GLU C 68 -16.09 -4.13 -22.64
N ALA C 69 -16.20 -4.85 -23.75
CA ALA C 69 -15.41 -4.51 -24.93
C ALA C 69 -15.80 -3.13 -25.45
N LYS C 70 -17.09 -2.81 -25.29
CA LYS C 70 -17.53 -1.48 -25.65
C LYS C 70 -16.79 -0.49 -24.81
N ALA C 71 -16.59 -0.83 -23.55
CA ALA C 71 -15.85 0.04 -22.64
C ALA C 71 -14.39 0.11 -23.02
N ASP C 72 -13.88 -0.94 -23.66
CA ASP C 72 -12.52 -0.89 -24.18
C ASP C 72 -12.46 0.16 -25.26
N LYS C 73 -13.47 0.18 -26.12
CA LYS C 73 -13.51 1.18 -27.18
C LYS C 73 -13.60 2.57 -26.59
N ILE C 74 -14.52 2.72 -25.65
CA ILE C 74 -14.86 4.01 -25.06
C ILE C 74 -13.65 4.60 -24.35
N LEU C 75 -13.06 3.80 -23.47
CA LEU C 75 -11.89 4.25 -22.72
C LEU C 75 -10.71 4.50 -23.64
N ALA C 76 -10.63 3.72 -24.72
CA ALA C 76 -9.57 3.93 -25.69
C ALA C 76 -9.73 5.31 -26.32
N GLU C 77 -10.98 5.73 -26.47
CA GLU C 77 -11.24 7.06 -27.02
C GLU C 77 -11.02 8.17 -25.98
N ALA C 78 -11.29 7.86 -24.73
CA ALA C 78 -11.04 8.84 -23.68
C ALA C 78 -9.54 9.10 -23.57
N ALA C 79 -8.75 8.05 -23.77
CA ALA C 79 -7.31 8.20 -23.89
C ALA C 79 -6.95 8.89 -25.20
N LYS C 80 -7.79 8.68 -26.21
CA LYS C 80 -7.55 9.24 -27.53
C LYS C 80 -7.67 10.76 -27.52
N LEU C 81 -8.49 11.28 -26.62
CA LEU C 81 -8.67 12.73 -26.53
C LEU C 81 -7.92 13.34 -25.36
N VAL C 82 -8.03 12.74 -24.18
CA VAL C 82 -7.33 13.26 -23.02
C VAL C 82 -6.07 12.44 -22.74
N PRO C 83 -4.89 13.08 -22.80
CA PRO C 83 -3.66 12.41 -22.40
C PRO C 83 -3.71 12.06 -20.92
N MET C 84 -3.12 10.94 -20.53
CA MET C 84 -3.15 10.52 -19.13
C MET C 84 -1.83 9.92 -18.68
N GLY C 85 -0.73 10.33 -19.32
CA GLY C 85 0.57 9.78 -19.01
C GLY C 85 1.33 10.58 -17.96
N PHE C 86 2.61 10.28 -17.81
CA PHE C 86 3.49 11.04 -16.93
C PHE C 86 3.70 12.45 -17.44
N THR C 87 3.90 13.39 -16.52
CA THR C 87 4.10 14.78 -16.89
C THR C 87 5.24 15.41 -16.10
N THR C 88 5.95 16.32 -16.73
CA THR C 88 7.01 17.05 -16.06
C THR C 88 6.43 17.96 -14.99
N ALA C 89 7.15 18.16 -13.90
CA ALA C 89 6.72 19.08 -12.87
C ALA C 89 6.66 20.51 -13.42
N THR C 90 7.53 20.80 -14.37
CA THR C 90 7.55 22.12 -14.98
C THR C 90 6.26 22.45 -15.70
N GLU C 91 5.78 21.49 -16.48
CA GLU C 91 4.55 21.69 -17.23
C GLU C 91 3.39 21.91 -16.29
N PHE C 92 3.40 21.15 -15.20
CA PHE C 92 2.35 21.27 -14.21
C PHE C 92 2.42 22.64 -13.57
N HIS C 93 3.63 23.18 -13.45
CA HIS C 93 3.78 24.49 -12.86
C HIS C 93 3.21 25.53 -13.81
N GLN C 94 3.47 25.36 -15.10
CA GLN C 94 2.99 26.30 -16.10
C GLN C 94 1.47 26.27 -16.18
N ARG C 95 0.88 25.12 -15.93
CA ARG C 95 -0.57 25.03 -15.87
C ARG C 95 -1.12 25.48 -14.52
N ARG C 96 -0.25 25.55 -13.52
CA ARG C 96 -0.65 26.06 -12.21
C ARG C 96 -0.58 27.58 -12.23
N SER C 97 0.12 28.10 -13.23
CA SER C 97 0.36 29.53 -13.32
C SER C 97 -0.92 30.32 -13.56
N GLU C 98 -1.91 29.67 -14.15
CA GLU C 98 -3.09 30.39 -14.63
C GLU C 98 -4.36 30.18 -13.83
N ILE C 99 -4.32 29.42 -12.73
CA ILE C 99 -5.51 29.29 -11.90
C ILE C 99 -5.90 30.65 -11.33
N ILE C 100 -7.19 30.94 -11.43
CA ILE C 100 -7.71 32.28 -11.18
C ILE C 100 -7.57 32.74 -9.74
N GLN C 101 -7.75 31.78 -8.82
CA GLN C 101 -7.96 32.07 -7.40
C GLN C 101 -8.74 33.37 -7.16
N ILE C 102 -10.05 33.23 -7.10
CA ILE C 102 -11.00 34.34 -7.04
C ILE C 102 -10.85 35.20 -5.79
N THR C 103 -10.98 36.52 -5.95
CA THR C 103 -10.97 37.43 -4.82
C THR C 103 -12.19 37.21 -3.93
N THR C 104 -11.99 37.34 -2.63
CA THR C 104 -13.08 37.15 -1.67
C THR C 104 -13.91 38.41 -1.46
N GLY C 105 -13.48 39.50 -2.06
CA GLY C 105 -14.15 40.77 -1.86
C GLY C 105 -13.63 41.57 -0.68
N SER C 106 -12.49 41.15 -0.14
CA SER C 106 -11.81 41.93 0.89
C SER C 106 -10.32 41.65 0.85
N LYS C 107 -9.51 42.64 1.22
CA LYS C 107 -8.07 42.53 1.05
C LYS C 107 -7.39 41.54 1.97
N GLU C 108 -7.71 41.59 3.26
CA GLU C 108 -6.99 40.76 4.23
C GLU C 108 -7.23 39.28 4.01
N LEU C 109 -8.43 38.93 3.56
CA LEU C 109 -8.69 37.56 3.15
C LEU C 109 -7.92 37.20 1.91
N ASP C 110 -7.70 38.19 1.05
CA ASP C 110 -6.91 37.98 -0.15
C ASP C 110 -5.46 37.70 0.22
N LYS C 111 -5.02 38.26 1.35
CA LYS C 111 -3.67 37.99 1.81
C LYS C 111 -3.59 36.64 2.49
N LEU C 112 -4.59 36.31 3.29
CA LEU C 112 -4.61 35.01 3.96
C LEU C 112 -4.59 33.89 2.96
N LEU C 113 -5.50 33.99 2.00
CA LEU C 113 -5.72 32.93 1.03
C LEU C 113 -4.74 33.06 -0.11
N GLN C 114 -3.92 34.12 -0.03
CA GLN C 114 -2.94 34.41 -1.06
C GLN C 114 -3.67 34.57 -2.38
N GLY C 115 -4.40 35.68 -2.51
CA GLY C 115 -5.15 35.96 -3.72
C GLY C 115 -6.55 35.37 -3.76
N GLY C 116 -6.94 34.67 -2.69
CA GLY C 116 -8.29 34.12 -2.61
C GLY C 116 -8.45 32.68 -3.05
N ILE C 117 -9.70 32.21 -2.98
CA ILE C 117 -10.02 30.81 -3.23
C ILE C 117 -9.72 30.34 -4.65
N GLU C 118 -9.05 29.20 -4.76
CA GLU C 118 -8.67 28.66 -6.07
C GLU C 118 -9.80 27.96 -6.78
N THR C 119 -9.73 27.99 -8.10
CA THR C 119 -10.55 27.14 -8.94
C THR C 119 -9.99 25.73 -9.00
N GLY C 120 -10.85 24.76 -9.27
CA GLY C 120 -10.41 23.37 -9.40
C GLY C 120 -10.21 22.64 -8.09
N SER C 121 -10.72 23.24 -7.01
CA SER C 121 -10.53 22.81 -5.60
C SER C 121 -11.80 22.76 -4.70
N ILE C 122 -11.67 22.14 -3.52
CA ILE C 122 -12.73 22.07 -2.48
C ILE C 122 -12.28 22.91 -1.25
N THR C 123 -13.19 23.71 -0.67
CA THR C 123 -12.91 24.61 0.48
C THR C 123 -13.89 24.38 1.68
N GLU C 124 -13.61 24.96 2.86
CA GLU C 124 -14.33 24.59 4.08
C GLU C 124 -14.58 25.67 5.13
N MET C 125 -15.83 25.79 5.58
CA MET C 125 -16.16 26.81 6.57
C MET C 125 -16.27 26.15 7.93
N PHE C 126 -15.43 26.59 8.86
CA PHE C 126 -15.50 26.11 10.22
C PHE C 126 -16.06 27.24 11.06
N GLY C 127 -17.17 26.95 11.74
CA GLY C 127 -17.84 27.96 12.54
C GLY C 127 -18.78 27.28 13.51
N GLU C 128 -19.26 28.03 14.49
CA GLU C 128 -20.22 27.51 15.46
C GLU C 128 -21.61 28.04 15.17
N PHE C 129 -21.67 29.30 14.78
CA PHE C 129 -22.93 29.96 14.43
C PHE C 129 -22.77 31.48 14.52
N ARG C 130 -23.30 32.20 13.53
CA ARG C 130 -23.15 33.64 13.48
C ARG C 130 -21.71 34.00 13.14
N THR C 131 -21.08 33.15 12.35
CA THR C 131 -19.70 33.37 11.93
C THR C 131 -19.63 33.92 10.52
N GLY C 132 -20.78 34.12 9.90
CA GLY C 132 -20.83 34.77 8.60
C GLY C 132 -20.32 33.91 7.46
N LYS C 133 -20.36 32.60 7.63
CA LYS C 133 -19.94 31.70 6.59
C LYS C 133 -20.86 31.74 5.35
N THR C 134 -22.17 31.71 5.58
CA THR C 134 -23.10 31.83 4.47
C THR C 134 -23.02 33.22 3.87
N GLN C 135 -22.63 34.17 4.70
CA GLN C 135 -22.44 35.54 4.27
C GLN C 135 -21.37 35.59 3.19
N ILE C 136 -20.24 34.97 3.51
CA ILE C 136 -19.13 34.87 2.60
C ILE C 136 -19.56 34.14 1.35
N CYS C 137 -20.44 33.15 1.52
CA CYS C 137 -20.93 32.44 0.36
C CYS C 137 -21.71 33.37 -0.57
N HIS C 138 -22.45 34.31 0.01
CA HIS C 138 -23.14 35.29 -0.82
C HIS C 138 -22.17 36.16 -1.58
N THR C 139 -21.22 36.73 -0.85
CA THR C 139 -20.32 37.68 -1.49
C THR C 139 -19.50 37.02 -2.59
N LEU C 140 -19.11 35.76 -2.38
CA LEU C 140 -18.42 35.04 -3.42
C LEU C 140 -19.35 34.81 -4.60
N ALA C 141 -20.61 34.55 -4.28
CA ALA C 141 -21.58 34.20 -5.31
C ALA C 141 -21.78 35.37 -6.26
N VAL C 142 -21.68 36.59 -5.74
CA VAL C 142 -21.73 37.75 -6.63
C VAL C 142 -20.40 38.04 -7.30
N THR C 143 -19.32 37.94 -6.53
CA THR C 143 -18.02 38.38 -7.00
C THR C 143 -17.37 37.47 -8.02
N CYS C 144 -17.93 36.29 -8.23
CA CYS C 144 -17.46 35.50 -9.36
C CYS C 144 -17.76 36.18 -10.69
N GLN C 145 -18.77 37.04 -10.70
CA GLN C 145 -19.21 37.65 -11.94
C GLN C 145 -18.39 38.87 -12.37
N LEU C 146 -17.45 39.30 -11.53
CA LEU C 146 -16.59 40.41 -11.92
C LEU C 146 -15.68 40.01 -13.06
N PRO C 147 -15.22 40.99 -13.84
CA PRO C 147 -14.24 40.71 -14.88
C PRO C 147 -12.94 40.20 -14.28
N ILE C 148 -12.25 39.34 -15.01
CA ILE C 148 -11.16 38.54 -14.50
C ILE C 148 -10.04 39.40 -13.92
N ASP C 149 -9.92 40.62 -14.43
CA ASP C 149 -8.92 41.54 -13.92
C ASP C 149 -9.18 41.83 -12.45
N ARG C 150 -10.44 41.76 -12.08
CA ARG C 150 -10.85 41.89 -10.69
C ARG C 150 -10.88 40.54 -9.99
N GLY C 151 -10.56 39.48 -10.73
CA GLY C 151 -10.47 38.16 -10.16
C GLY C 151 -11.69 37.28 -10.35
N GLY C 152 -12.80 37.87 -10.78
CA GLY C 152 -13.98 37.09 -11.07
C GLY C 152 -13.75 36.15 -12.24
N GLY C 153 -14.32 34.95 -12.18
CA GLY C 153 -14.08 33.96 -13.21
C GLY C 153 -14.93 34.19 -14.43
N GLU C 154 -15.83 35.17 -14.35
CA GLU C 154 -16.77 35.44 -15.42
C GLU C 154 -17.67 34.22 -15.61
N GLY C 155 -17.83 33.44 -14.55
CA GLY C 155 -18.61 32.22 -14.61
C GLY C 155 -19.89 32.25 -13.81
N LYS C 156 -20.99 31.92 -14.47
CA LYS C 156 -22.29 31.82 -13.84
C LYS C 156 -22.14 30.99 -12.59
N ALA C 157 -22.91 31.32 -11.56
CA ALA C 157 -22.77 30.64 -10.26
C ALA C 157 -24.03 29.91 -9.86
N MET C 158 -23.85 28.65 -9.43
CA MET C 158 -24.97 27.86 -8.95
C MET C 158 -24.81 27.66 -7.44
N TYR C 159 -25.85 27.80 -6.76
CA TYR C 159 -25.85 27.86 -5.31
C TYR C 159 -26.79 26.83 -4.71
N ILE C 160 -26.25 25.72 -4.25
CA ILE C 160 -27.07 24.65 -3.71
C ILE C 160 -27.32 24.87 -2.23
N ASP C 161 -28.36 25.61 -1.91
CA ASP C 161 -28.74 25.83 -0.52
C ASP C 161 -29.42 24.57 0.02
N THR C 162 -29.24 24.33 1.32
CA THR C 162 -29.85 23.17 1.96
C THR C 162 -30.46 23.53 3.31
N GLU C 163 -30.63 24.82 3.54
CA GLU C 163 -31.38 25.26 4.71
C GLU C 163 -32.37 26.37 4.33
N GLY C 164 -32.36 26.78 3.07
CA GLY C 164 -33.33 27.73 2.58
C GLY C 164 -33.01 29.14 3.01
N THR C 165 -31.80 29.32 3.55
CA THR C 165 -31.42 30.57 4.18
C THR C 165 -30.90 31.60 3.17
N PHE C 166 -30.85 31.20 1.90
CA PHE C 166 -30.35 32.08 0.84
C PHE C 166 -31.17 33.36 0.73
N ARG C 167 -30.47 34.49 0.62
CA ARG C 167 -31.13 35.78 0.58
C ARG C 167 -30.74 36.61 -0.65
N PRO C 168 -31.66 36.75 -1.60
CA PRO C 168 -31.42 37.57 -2.79
C PRO C 168 -31.12 39.02 -2.42
N GLU C 169 -31.71 39.47 -1.32
CA GLU C 169 -31.57 40.85 -0.89
C GLU C 169 -30.11 41.18 -0.66
N ARG C 170 -29.39 40.23 -0.07
CA ARG C 170 -27.97 40.45 0.17
C ARG C 170 -27.22 40.51 -1.13
N LEU C 171 -27.67 39.75 -2.12
CA LEU C 171 -27.03 39.79 -3.41
C LEU C 171 -27.21 41.15 -4.06
N LEU C 172 -28.38 41.75 -3.83
CA LEU C 172 -28.59 43.11 -4.29
C LEU C 172 -27.69 44.08 -3.55
N ALA C 173 -27.42 43.79 -2.28
CA ALA C 173 -26.56 44.68 -1.49
C ALA C 173 -25.13 44.64 -2.03
N VAL C 174 -24.63 43.45 -2.28
CA VAL C 174 -23.29 43.32 -2.84
C VAL C 174 -23.29 43.92 -4.24
N ALA C 175 -24.43 43.86 -4.92
CA ALA C 175 -24.52 44.46 -6.23
C ALA C 175 -24.36 45.95 -6.13
N GLU C 176 -24.86 46.54 -5.05
CA GLU C 176 -24.59 47.94 -4.79
C GLU C 176 -23.11 48.12 -4.53
N ARG C 177 -22.52 47.15 -3.86
CA ARG C 177 -21.13 47.21 -3.44
C ARG C 177 -20.15 47.22 -4.61
N TYR C 178 -20.51 46.59 -5.71
CA TYR C 178 -19.56 46.48 -6.83
C TYR C 178 -20.05 47.10 -8.12
N GLY C 179 -21.17 47.80 -8.05
CA GLY C 179 -21.56 48.72 -9.09
C GLY C 179 -22.23 48.06 -10.28
N LEU C 180 -22.20 46.74 -10.31
CA LEU C 180 -22.94 46.02 -11.33
C LEU C 180 -24.42 46.03 -10.99
N SER C 181 -25.25 46.06 -12.03
CA SER C 181 -26.70 46.02 -11.81
C SER C 181 -27.08 44.71 -11.15
N GLY C 182 -28.01 44.80 -10.21
CA GLY C 182 -28.41 43.62 -9.46
C GLY C 182 -29.14 42.62 -10.32
N SER C 183 -29.91 43.12 -11.28
CA SER C 183 -30.68 42.24 -12.14
C SER C 183 -29.78 41.33 -12.95
N ASP C 184 -28.65 41.86 -13.41
CA ASP C 184 -27.68 41.05 -14.16
C ASP C 184 -27.07 39.97 -13.29
N VAL C 185 -26.88 40.29 -12.02
CA VAL C 185 -26.31 39.35 -11.08
C VAL C 185 -27.30 38.23 -10.79
N LEU C 186 -28.55 38.61 -10.64
CA LEU C 186 -29.57 37.64 -10.32
C LEU C 186 -29.97 36.84 -11.55
N ASP C 187 -29.58 37.33 -12.72
CA ASP C 187 -29.87 36.60 -13.96
C ASP C 187 -29.15 35.27 -13.94
N ASN C 188 -27.99 35.24 -13.30
CA ASN C 188 -27.30 33.98 -13.05
C ASN C 188 -27.75 33.50 -11.69
N VAL C 189 -26.79 33.01 -10.90
CA VAL C 189 -27.07 32.53 -9.55
C VAL C 189 -28.21 31.52 -9.59
N ALA C 190 -27.88 30.31 -10.03
CA ALA C 190 -28.86 29.26 -10.20
C ALA C 190 -29.13 28.57 -8.87
N TYR C 191 -29.96 29.22 -8.06
CA TYR C 191 -30.36 28.70 -6.75
C TYR C 191 -31.09 27.37 -6.85
N ALA C 192 -30.78 26.47 -5.94
CA ALA C 192 -31.45 25.18 -5.86
C ALA C 192 -31.58 24.75 -4.41
N ARG C 193 -32.69 24.09 -4.12
CA ARG C 193 -33.13 23.87 -2.75
C ARG C 193 -33.27 22.39 -2.42
N ALA C 194 -32.22 21.82 -1.84
CA ALA C 194 -32.19 20.41 -1.48
C ALA C 194 -32.96 20.12 -0.20
N PHE C 195 -33.43 18.89 -0.04
CA PHE C 195 -34.05 18.46 1.20
C PHE C 195 -33.54 17.10 1.65
N ASN C 196 -33.79 16.08 0.84
CA ASN C 196 -33.30 14.74 1.13
C ASN C 196 -31.80 14.67 0.94
N THR C 197 -31.14 13.77 1.67
CA THR C 197 -29.72 13.56 1.44
C THR C 197 -29.49 13.04 0.03
N ASP C 198 -30.41 12.22 -0.44
CA ASP C 198 -30.30 11.66 -1.78
C ASP C 198 -30.52 12.72 -2.84
N HIS C 199 -31.27 13.75 -2.47
CA HIS C 199 -31.63 14.80 -3.40
C HIS C 199 -30.41 15.54 -3.90
N GLN C 200 -29.42 15.66 -3.03
CA GLN C 200 -28.20 16.39 -3.37
C GLN C 200 -27.50 15.72 -4.53
N THR C 201 -27.64 14.41 -4.61
CA THR C 201 -27.04 13.66 -5.68
C THR C 201 -27.66 14.03 -7.02
N GLN C 202 -28.99 14.03 -7.06
CA GLN C 202 -29.68 14.39 -8.29
C GLN C 202 -29.33 15.81 -8.67
N LEU C 203 -29.16 16.66 -7.67
CA LEU C 203 -28.77 18.03 -7.95
C LEU C 203 -27.35 18.07 -8.51
N LEU C 204 -26.51 17.12 -8.12
CA LEU C 204 -25.18 17.08 -8.69
C LEU C 204 -25.23 16.65 -10.15
N TYR C 205 -25.98 15.59 -10.46
CA TYR C 205 -26.05 15.17 -11.84
C TYR C 205 -26.67 16.24 -12.73
N GLN C 206 -27.67 16.95 -12.23
CA GLN C 206 -28.22 18.05 -13.00
C GLN C 206 -27.20 19.17 -13.15
N ALA C 207 -26.34 19.33 -12.14
CA ALA C 207 -25.29 20.34 -12.22
C ALA C 207 -24.36 20.02 -13.37
N SER C 208 -23.94 18.76 -13.41
CA SER C 208 -23.03 18.31 -14.45
C SER C 208 -23.69 18.45 -15.80
N ALA C 209 -25.01 18.27 -15.83
CA ALA C 209 -25.76 18.49 -17.05
C ALA C 209 -25.72 19.96 -17.47
N MET C 210 -25.71 20.86 -16.48
CA MET C 210 -25.68 22.29 -16.77
C MET C 210 -24.30 22.81 -17.09
N MET C 211 -23.28 22.04 -16.75
CA MET C 211 -21.90 22.48 -16.96
C MET C 211 -21.55 22.60 -18.43
N VAL C 212 -22.23 21.82 -19.25
CA VAL C 212 -21.92 21.72 -20.66
C VAL C 212 -22.15 23.03 -21.42
N GLU C 213 -23.15 23.78 -20.99
CA GLU C 213 -23.70 24.84 -21.82
C GLU C 213 -22.96 26.17 -21.69
N SER C 214 -22.56 26.52 -20.47
CA SER C 214 -21.87 27.78 -20.22
C SER C 214 -20.93 27.67 -19.03
N ARG C 215 -19.67 28.03 -19.23
CA ARG C 215 -18.66 27.94 -18.18
C ARG C 215 -19.12 28.65 -16.90
N TYR C 216 -19.42 27.86 -15.89
CA TYR C 216 -19.81 28.39 -14.59
C TYR C 216 -18.55 28.66 -13.76
N ALA C 217 -18.67 29.52 -12.76
CA ALA C 217 -17.53 29.82 -11.92
C ALA C 217 -17.47 28.90 -10.74
N LEU C 218 -18.55 28.90 -9.97
CA LEU C 218 -18.51 28.37 -8.62
C LEU C 218 -19.72 27.56 -8.23
N LEU C 219 -19.47 26.38 -7.67
CA LEU C 219 -20.46 25.70 -6.85
C LEU C 219 -20.30 26.09 -5.39
N ILE C 220 -21.42 26.40 -4.77
CA ILE C 220 -21.42 26.65 -3.35
C ILE C 220 -22.36 25.68 -2.71
N VAL C 221 -21.98 25.19 -1.54
CA VAL C 221 -22.90 24.44 -0.70
C VAL C 221 -22.74 24.94 0.73
N ASP C 222 -23.79 25.57 1.23
CA ASP C 222 -23.86 25.97 2.63
C ASP C 222 -23.71 24.80 3.60
N SER C 223 -24.61 23.81 3.52
CA SER C 223 -24.58 22.75 4.50
C SER C 223 -24.71 21.40 3.82
N ALA C 224 -23.61 20.95 3.23
CA ALA C 224 -23.58 19.63 2.63
C ALA C 224 -23.80 18.60 3.71
N THR C 225 -23.38 18.94 4.91
CA THR C 225 -23.32 17.99 6.00
C THR C 225 -24.58 17.95 6.88
N ALA C 226 -25.34 19.03 6.87
CA ALA C 226 -26.43 19.18 7.84
C ALA C 226 -27.52 18.14 7.70
N LEU C 227 -27.79 17.70 6.49
CA LEU C 227 -28.83 16.70 6.27
C LEU C 227 -28.42 15.39 6.90
N TYR C 228 -27.11 15.13 6.87
CA TYR C 228 -26.56 13.88 7.33
C TYR C 228 -26.68 13.69 8.83
N ARG C 229 -26.74 14.78 9.59
CA ARG C 229 -27.01 14.64 11.00
C ARG C 229 -28.41 14.12 11.19
N THR C 230 -29.38 14.91 10.74
CA THR C 230 -30.78 14.63 11.04
C THR C 230 -31.27 13.32 10.44
N ASP C 231 -30.71 12.90 9.31
CA ASP C 231 -31.20 11.68 8.70
C ASP C 231 -30.54 10.41 9.23
N TYR C 232 -29.23 10.46 9.45
CA TYR C 232 -28.52 9.29 9.91
C TYR C 232 -28.17 9.37 11.39
N SER C 233 -29.10 8.98 12.25
CA SER C 233 -28.86 9.06 13.68
C SER C 233 -28.05 7.87 14.15
N GLY C 234 -26.78 7.85 13.78
CA GLY C 234 -25.92 6.72 14.08
C GLY C 234 -25.12 6.85 15.36
N ARG C 235 -24.31 5.85 15.70
CA ARG C 235 -24.14 4.65 14.89
C ARG C 235 -25.12 3.56 15.31
N GLY C 236 -25.93 3.10 14.36
CA GLY C 236 -25.90 3.60 13.00
C GLY C 236 -26.37 2.53 12.04
N GLU C 237 -26.45 2.86 10.76
CA GLU C 237 -26.10 4.21 10.26
C GLU C 237 -24.62 4.52 10.33
N LEU C 238 -24.30 5.82 10.33
CA LEU C 238 -22.92 6.29 10.44
C LEU C 238 -22.06 5.66 9.37
N SER C 239 -21.88 4.34 9.46
CA SER C 239 -21.11 3.62 8.47
C SER C 239 -21.76 3.76 7.11
N ALA C 240 -23.08 3.97 7.11
CA ALA C 240 -23.76 4.30 5.87
C ALA C 240 -23.58 5.77 5.55
N ARG C 241 -23.52 6.60 6.59
CA ARG C 241 -23.43 8.03 6.40
C ARG C 241 -22.11 8.40 5.74
N GLN C 242 -21.03 7.86 6.27
CA GLN C 242 -19.71 8.07 5.71
C GLN C 242 -19.67 7.47 4.30
N MET C 243 -20.37 6.37 4.14
CA MET C 243 -20.45 5.67 2.87
C MET C 243 -21.06 6.55 1.81
N HIS C 244 -21.98 7.42 2.22
CA HIS C 244 -22.63 8.30 1.27
C HIS C 244 -21.79 9.53 1.03
N LEU C 245 -21.23 10.08 2.09
CA LEU C 245 -20.43 11.29 1.97
C LEU C 245 -19.23 11.07 1.08
N ALA C 246 -18.64 9.88 1.13
CA ALA C 246 -17.45 9.64 0.35
C ALA C 246 -17.75 9.77 -1.14
N ARG C 247 -18.91 9.25 -1.53
CA ARG C 247 -19.32 9.35 -2.92
C ARG C 247 -19.64 10.77 -3.27
N PHE C 248 -20.27 11.49 -2.34
CA PHE C 248 -20.66 12.86 -2.62
C PHE C 248 -19.42 13.69 -2.91
N LEU C 249 -18.45 13.59 -2.01
CA LEU C 249 -17.22 14.35 -2.16
C LEU C 249 -16.44 13.92 -3.38
N ARG C 250 -16.51 12.64 -3.73
CA ARG C 250 -15.82 12.20 -4.93
C ARG C 250 -16.46 12.85 -6.14
N MET C 251 -17.77 13.00 -6.11
CA MET C 251 -18.45 13.63 -7.24
C MET C 251 -18.06 15.10 -7.33
N LEU C 252 -17.90 15.73 -6.18
CA LEU C 252 -17.46 17.11 -6.18
C LEU C 252 -16.08 17.22 -6.79
N LEU C 253 -15.25 16.21 -6.55
CA LEU C 253 -13.98 16.17 -7.23
C LEU C 253 -14.15 15.94 -8.72
N ARG C 254 -15.17 15.18 -9.09
CA ARG C 254 -15.38 14.90 -10.51
C ARG C 254 -15.70 16.18 -11.23
N LEU C 255 -16.40 17.07 -10.56
CA LEU C 255 -16.74 18.34 -11.20
C LEU C 255 -15.55 19.27 -11.20
N ALA C 256 -14.94 19.40 -10.03
CA ALA C 256 -13.88 20.37 -9.83
C ALA C 256 -12.61 20.06 -10.64
N ASP C 257 -12.36 18.78 -10.88
CA ASP C 257 -11.15 18.38 -11.60
C ASP C 257 -11.31 18.64 -13.07
N GLU C 258 -12.54 18.89 -13.49
CA GLU C 258 -12.85 19.12 -14.88
C GLU C 258 -12.99 20.60 -15.20
N PHE C 259 -13.91 21.26 -14.52
CA PHE C 259 -14.40 22.54 -14.99
C PHE C 259 -13.98 23.71 -14.11
N GLY C 260 -12.96 23.51 -13.29
CA GLY C 260 -12.55 24.54 -12.35
C GLY C 260 -13.79 25.13 -11.70
N VAL C 261 -13.92 26.45 -11.77
CA VAL C 261 -15.05 27.18 -11.18
C VAL C 261 -14.82 27.42 -9.70
N ALA C 262 -15.04 26.39 -8.89
CA ALA C 262 -14.72 26.43 -7.47
C ALA C 262 -15.73 25.65 -6.65
N VAL C 263 -15.24 24.95 -5.63
CA VAL C 263 -16.12 24.22 -4.73
C VAL C 263 -16.02 24.79 -3.32
N VAL C 264 -17.15 25.15 -2.75
CA VAL C 264 -17.18 25.69 -1.40
C VAL C 264 -18.06 24.82 -0.50
N ILE C 265 -17.51 24.42 0.64
CA ILE C 265 -18.25 23.60 1.59
C ILE C 265 -18.38 24.30 2.94
N THR C 266 -19.59 24.35 3.46
CA THR C 266 -19.82 24.93 4.78
C THR C 266 -20.21 23.82 5.74
N ASN C 267 -19.50 23.74 6.86
CA ASN C 267 -19.74 22.68 7.82
C ASN C 267 -20.22 23.18 9.17
N GLN C 268 -21.30 22.59 9.67
CA GLN C 268 -21.73 22.82 11.04
C GLN C 268 -20.63 22.26 11.93
N VAL C 269 -20.64 22.60 13.21
CA VAL C 269 -19.58 22.15 14.10
C VAL C 269 -20.03 21.08 15.09
N VAL C 270 -19.08 20.27 15.53
CA VAL C 270 -19.36 19.22 16.52
C VAL C 270 -18.46 19.41 17.74
N ALA C 271 -19.05 19.90 18.82
CA ALA C 271 -18.32 20.19 20.02
C ALA C 271 -18.00 18.88 20.82
N GLN C 272 -16.71 18.62 21.13
CA GLN C 272 -16.24 17.48 21.92
C GLN C 272 -16.71 17.55 23.35
N VAL C 273 -16.77 16.38 23.98
CA VAL C 273 -16.95 16.31 25.42
C VAL C 273 -15.82 15.46 25.95
N ASP C 274 -15.35 15.76 27.16
CA ASP C 274 -14.22 15.07 27.77
C ASP C 274 -12.97 15.17 26.93
N GLY C 275 -12.71 16.36 26.41
CA GLY C 275 -11.48 16.64 25.69
C GLY C 275 -10.47 17.29 26.60
N ALA C 276 -9.54 18.04 26.01
CA ALA C 276 -8.57 18.79 26.80
C ALA C 276 -8.41 20.22 26.26
N ALA C 277 -8.25 21.16 27.18
CA ALA C 277 -8.08 22.58 26.85
C ALA C 277 -9.18 23.10 25.92
N ASP C 282 -11.24 25.22 20.80
CA ASP C 282 -10.77 23.85 20.93
C ASP C 282 -11.91 22.84 21.11
N PRO C 283 -12.96 23.20 21.87
CA PRO C 283 -14.09 22.26 21.87
C PRO C 283 -14.86 22.28 20.56
N LYS C 284 -14.24 21.86 19.46
CA LYS C 284 -14.84 21.99 18.14
C LYS C 284 -14.69 20.76 17.25
N LYS C 285 -13.96 20.93 16.17
CA LYS C 285 -13.85 19.95 15.07
C LYS C 285 -15.18 19.77 14.33
N PRO C 286 -15.12 19.91 13.00
CA PRO C 286 -16.22 19.71 12.06
C PRO C 286 -16.74 18.29 12.08
N ILE C 287 -18.05 18.11 11.88
CA ILE C 287 -18.59 16.77 11.77
C ILE C 287 -18.23 16.18 10.43
N GLY C 288 -18.50 14.90 10.26
CA GLY C 288 -18.20 14.20 9.03
C GLY C 288 -16.96 13.34 9.17
N GLY C 289 -16.27 13.51 10.28
CA GLY C 289 -15.16 12.65 10.60
C GLY C 289 -14.02 12.82 9.64
N ASN C 290 -13.22 11.77 9.50
CA ASN C 290 -12.02 11.82 8.70
C ASN C 290 -12.28 12.07 7.22
N ILE C 291 -13.34 11.47 6.70
CA ILE C 291 -13.54 11.42 5.26
C ILE C 291 -13.70 12.79 4.63
N ILE C 292 -14.33 13.71 5.35
CA ILE C 292 -14.36 15.07 4.85
C ILE C 292 -12.97 15.66 4.90
N ALA C 293 -12.30 15.41 6.00
CA ALA C 293 -11.05 16.11 6.29
C ALA C 293 -9.98 15.80 5.27
N HIS C 294 -9.89 14.53 4.89
CA HIS C 294 -8.85 14.13 3.95
C HIS C 294 -9.11 14.67 2.56
N ALA C 295 -10.38 14.94 2.28
CA ALA C 295 -10.78 15.29 0.92
C ALA C 295 -10.43 16.72 0.53
N SER C 296 -10.70 17.66 1.43
CA SER C 296 -10.58 19.07 1.08
C SER C 296 -9.14 19.48 0.80
N THR C 297 -8.96 20.25 -0.27
CA THR C 297 -7.65 20.83 -0.55
C THR C 297 -7.29 21.86 0.48
N THR C 298 -8.30 22.54 1.02
CA THR C 298 -8.07 23.62 1.96
C THR C 298 -8.98 23.48 3.17
N ARG C 299 -8.87 24.41 4.11
CA ARG C 299 -9.79 24.45 5.23
C ARG C 299 -9.77 25.82 5.88
N LEU C 300 -10.90 26.26 6.41
CA LEU C 300 -10.95 27.54 7.10
C LEU C 300 -11.72 27.42 8.41
N TYR C 301 -11.51 28.39 9.30
CA TYR C 301 -12.13 28.38 10.62
C TYR C 301 -12.47 29.80 11.00
N LEU C 302 -13.63 30.01 11.61
CA LEU C 302 -14.14 31.36 11.75
C LEU C 302 -14.66 31.64 13.16
N ARG C 303 -13.87 32.35 13.95
CA ARG C 303 -14.31 32.73 15.30
C ARG C 303 -14.91 34.12 15.29
N LYS C 304 -16.03 34.31 15.97
CA LYS C 304 -16.58 35.66 16.03
C LYS C 304 -15.67 36.57 16.86
N GLY C 305 -15.51 37.81 16.41
CA GLY C 305 -14.83 38.81 17.21
C GLY C 305 -15.87 39.65 17.93
N ARG C 306 -15.45 40.80 18.45
CA ARG C 306 -16.41 41.75 19.01
C ARG C 306 -17.14 42.46 17.88
N GLY C 307 -18.40 42.81 18.10
CA GLY C 307 -19.18 43.50 17.10
C GLY C 307 -19.34 42.69 15.83
N GLU C 308 -19.28 43.36 14.69
CA GLU C 308 -19.35 42.66 13.41
C GLU C 308 -18.10 41.84 13.11
N THR C 309 -16.99 42.21 13.72
CA THR C 309 -15.68 41.68 13.36
C THR C 309 -15.56 40.18 13.56
N ARG C 310 -14.89 39.52 12.63
CA ARG C 310 -14.75 38.07 12.65
C ARG C 310 -13.31 37.69 12.35
N ILE C 311 -12.94 36.47 12.73
CA ILE C 311 -11.58 36.00 12.58
C ILE C 311 -11.49 34.74 11.73
N CYS C 312 -10.91 34.86 10.54
CA CYS C 312 -10.55 33.69 9.77
C CYS C 312 -9.24 33.08 10.23
N GLN C 313 -9.11 31.77 10.05
CA GLN C 313 -7.90 31.03 10.42
C GLN C 313 -7.82 29.75 9.61
N ILE C 314 -6.68 29.53 8.97
CA ILE C 314 -6.51 28.40 8.06
C ILE C 314 -6.33 27.05 8.75
N TYR C 315 -6.89 26.00 8.15
CA TYR C 315 -6.41 24.64 8.36
C TYR C 315 -6.06 24.00 7.02
N ASP C 316 -5.17 23.01 7.07
CA ASP C 316 -5.03 22.01 6.03
C ASP C 316 -4.96 22.58 4.62
N SER C 317 -4.15 23.62 4.41
CA SER C 317 -3.86 24.05 3.06
C SER C 317 -2.39 23.85 2.79
N PRO C 318 -2.08 22.90 1.89
CA PRO C 318 -0.69 22.60 1.53
C PRO C 318 0.01 23.83 0.96
N CYS C 319 -0.76 24.67 0.28
CA CYS C 319 -0.23 25.87 -0.33
C CYS C 319 0.29 26.88 0.68
N LEU C 320 -0.33 26.91 1.87
CA LEU C 320 -0.15 28.06 2.74
C LEU C 320 0.23 27.73 4.17
N PRO C 321 1.07 28.57 4.78
CA PRO C 321 1.34 28.59 6.22
C PRO C 321 0.11 29.04 6.96
N GLU C 322 -0.08 28.59 8.19
CA GLU C 322 -1.24 29.03 8.97
C GLU C 322 -1.20 30.52 9.20
N ALA C 323 -2.38 31.15 9.13
CA ALA C 323 -2.51 32.59 9.33
C ALA C 323 -3.91 32.91 9.82
N GLU C 324 -4.12 34.15 10.24
CA GLU C 324 -5.42 34.55 10.78
C GLU C 324 -5.69 36.02 10.56
N ALA C 325 -6.95 36.39 10.39
CA ALA C 325 -7.26 37.81 10.16
C ALA C 325 -8.69 38.24 10.42
N MET C 326 -8.82 39.53 10.73
CA MET C 326 -10.10 40.17 11.00
C MET C 326 -10.84 40.47 9.71
N PHE C 327 -12.17 40.52 9.78
CA PHE C 327 -12.96 41.27 8.80
C PHE C 327 -14.34 41.56 9.35
N ALA C 328 -14.82 42.78 9.09
CA ALA C 328 -16.16 43.17 9.52
C ALA C 328 -17.22 42.63 8.57
N ILE C 329 -18.42 42.43 9.08
CA ILE C 329 -19.55 42.07 8.24
C ILE C 329 -20.51 43.26 8.15
N ASN C 330 -20.23 44.15 7.20
CA ASN C 330 -21.02 45.37 7.05
C ASN C 330 -22.39 45.10 6.49
N ALA C 331 -23.08 46.16 6.09
CA ALA C 331 -24.27 46.02 5.29
C ALA C 331 -23.87 45.41 3.96
N ASP C 332 -22.64 45.69 3.55
CA ASP C 332 -22.05 45.08 2.37
C ASP C 332 -21.34 43.79 2.75
N GLY C 333 -21.46 43.41 4.01
CA GLY C 333 -20.87 42.17 4.50
C GLY C 333 -19.37 42.23 4.65
N VAL C 334 -18.69 41.30 4.00
CA VAL C 334 -17.25 41.16 4.12
C VAL C 334 -16.52 42.44 3.69
N GLY C 335 -15.53 42.86 4.48
CA GLY C 335 -14.78 44.06 4.18
C GLY C 335 -13.62 44.26 5.15
N ASP C 336 -13.67 45.35 5.90
CA ASP C 336 -12.69 45.59 6.97
C ASP C 336 -13.39 45.90 8.29
MG MG F . 7.88 -10.71 9.15
PG ANP G . 5.67 -7.53 8.55
O1G ANP G . 6.17 -6.18 8.14
O2G ANP G . 6.74 -8.62 8.19
O3G ANP G . 4.34 -7.84 7.77
PB ANP G . 6.45 -8.53 11.02
O1B ANP G . 7.09 -9.49 10.09
O2B ANP G . 5.68 -9.31 12.12
N3B ANP G . 5.37 -7.54 10.22
PA ANP G . 7.58 -7.64 13.29
O1A ANP G . 8.76 -8.34 13.84
O2A ANP G . 6.24 -8.20 13.78
O3A ANP G . 7.55 -7.69 11.72
O5' ANP G . 7.74 -6.12 13.66
C5' ANP G . 8.98 -5.61 14.15
C4' ANP G . 8.84 -5.27 15.61
O4' ANP G . 10.08 -5.54 16.29
C3' ANP G . 8.53 -3.82 15.91
O3' ANP G . 7.12 -3.61 15.95
C2' ANP G . 9.12 -3.63 17.31
O2' ANP G . 8.22 -4.07 18.30
C1' ANP G . 10.35 -4.54 17.25
N9 ANP G . 11.57 -3.84 16.86
C8 ANP G . 12.17 -3.85 15.63
N7 ANP G . 13.26 -3.11 15.56
C5 ANP G . 13.38 -2.59 16.83
C6 ANP G . 14.32 -1.72 17.42
N6 ANP G . 15.38 -1.22 16.76
N1 ANP G . 14.15 -1.39 18.71
C2 ANP G . 13.10 -1.89 19.37
N3 ANP G . 12.16 -2.71 18.93
C4 ANP G . 12.35 -3.03 17.65
MG MG H . -1.60 14.92 1.36
PG ANP I . -4.90 16.29 2.98
O1G ANP I . -5.58 17.56 2.59
O2G ANP I . -3.95 15.83 1.80
O3G ANP I . -5.98 15.17 3.23
PB ANP I . -2.36 16.45 4.08
O1B ANP I . -2.09 15.75 2.80
O2B ANP I . -1.67 15.69 5.23
N3B ANP I . -4.00 16.53 4.40
PA ANP I . -0.73 18.31 5.16
O1A ANP I . 0.64 18.47 4.63
O2A ANP I . -0.87 17.30 6.29
O3A ANP I . -1.73 17.88 4.01
O5' ANP I . -1.21 19.74 5.60
C5' ANP I . -0.47 20.92 5.23
C4' ANP I . 0.21 21.48 6.45
O4' ANP I . 1.48 22.05 6.07
C3' ANP I . -0.55 22.61 7.14
O3' ANP I . -1.41 22.07 8.14
C2' ANP I . 0.58 23.40 7.80
O2' ANP I . 0.94 22.82 9.04
C1' ANP I . 1.71 23.25 6.77
N9 ANP I . 1.77 24.34 5.82
C8 ANP I . 1.32 24.34 4.52
N7 ANP I . 1.49 25.48 3.89
C5 ANP I . 2.10 26.29 4.84
C6 ANP I . 2.55 27.62 4.80
N6 ANP I . 2.45 28.41 3.73
N1 ANP I . 3.11 28.13 5.92
C2 ANP I . 3.21 27.35 7.00
N3 ANP I . 2.83 26.08 7.15
C4 ANP I . 2.28 25.60 6.03
MG MG J . -25.36 29.48 6.72
PG ANP K . -26.89 29.36 10.33
O1G ANP K . -28.19 29.97 10.74
O2G ANP K . -26.88 29.17 8.77
O3G ANP K . -26.74 27.95 11.02
PB ANP K . -24.86 31.04 9.48
O1B ANP K . -25.16 30.28 8.24
O2B ANP K . -23.32 31.03 9.73
N3B ANP K . -25.61 30.36 10.81
PA ANP K . -24.23 33.66 9.53
O1A ANP K . -23.89 34.35 8.28
O2A ANP K . -23.05 33.02 10.26
O3A ANP K . -25.30 32.52 9.28
O5' ANP K . -24.97 34.72 10.44
C5' ANP K . -25.42 35.97 9.90
C4' ANP K . -24.55 37.07 10.44
O4' ANP K . -24.39 38.09 9.43
C3' ANP K . -25.12 37.81 11.65
O3' ANP K . -24.69 37.17 12.84
C2' ANP K . -24.49 39.18 11.53
O2' ANP K . -23.18 39.20 12.08
C1' ANP K . -24.43 39.38 10.01
N9 ANP K . -25.59 40.09 9.48
C8 ANP K . -26.67 39.54 8.83
N7 ANP K . -27.57 40.42 8.47
C5 ANP K . -27.06 41.62 8.91
C6 ANP K . -27.53 42.94 8.83
N6 ANP K . -28.70 43.29 8.26
N1 ANP K . -26.77 43.93 9.37
C2 ANP K . -25.61 43.59 9.94
N3 ANP K . -25.06 42.38 10.07
C4 ANP K . -25.83 41.43 9.53
#